data_2XAO
#
_entry.id   2XAO
#
_cell.length_a   58.761
_cell.length_b   112.737
_cell.length_c   144.454
_cell.angle_alpha   90.00
_cell.angle_beta   90.00
_cell.angle_gamma   90.00
#
_symmetry.space_group_name_H-M   'P 21 21 21'
#
loop_
_entity.id
_entity.type
_entity.pdbx_description
1 polymer 'INOSITOL-PENTAKISPHOSPHATE 2-KINASE'
2 non-polymer MYO-INOSITOL-(1,3,4,5,6)-PENTAKISPHOSPHATE
3 non-polymer 'ZINC ION'
#
_entity_poly.entity_id   1
_entity_poly.type   'polypeptide(L)'
_entity_poly.pdbx_seq_one_letter_code
;MEMILEEKDASDWIYRGEGGANLVLAYAGSSPLFVGKVIRIQKARRNDKAIKNSNGVVSVLTSDEQHLWRENNELISSPN
KEVLEQRYVQNVIIPLLGPKHVDAGVRVSVSKEFLECVDKKVTKQRPLWRVNAANVDTSHDSALILNDHSLFSQGITSGG
DCISVEIKPKCGFLPTSRFIGKENMLKTSVSRFKMHQLLKLEYIEISEESEYDPLDLFSGSKERVLEAIKALYSTPQNNF
RVFLNGSLILGGSGESTGRTSPEIGYAFEDALKGFIQSEDGHRTECFLQLVSDAVYGSGVLDRLLEIQKLDKLDIEGAIH
CYYDIINQPCPICKEGRPLEAELSLHALPLDESLKIVKEYLIAATAKDCSIMISFQSRNAWDSEPSGDYVSLKPTNQTFD
YKVHFIDLSLKPLKRMESYYKLDKKIISFYNRKQKAENTAEQIGNSKPSHS
;
_entity_poly.pdbx_strand_id   A,B
#
loop_
_chem_comp.id
_chem_comp.type
_chem_comp.name
_chem_comp.formula
5MY non-polymer MYO-INOSITOL-(1,3,4,5,6)-PENTAKISPHOSPHATE 'C6 H17 O21 P5'
ZN non-polymer 'ZINC ION' 'Zn 2'
#
# COMPACT_ATOMS: atom_id res chain seq x y z
N MET A 3 -17.69 4.20 -38.88
CA MET A 3 -16.38 4.91 -38.83
C MET A 3 -16.22 5.74 -37.56
N ILE A 4 -17.25 6.45 -37.13
CA ILE A 4 -17.28 7.00 -35.77
C ILE A 4 -18.52 6.57 -34.99
N LEU A 5 -18.33 5.75 -33.96
CA LEU A 5 -19.41 5.35 -33.07
C LEU A 5 -19.96 6.56 -32.31
N GLU A 6 -21.27 6.77 -32.45
CA GLU A 6 -21.94 7.92 -31.84
C GLU A 6 -22.82 7.57 -30.64
N GLU A 7 -23.42 8.59 -30.03
CA GLU A 7 -24.31 8.41 -28.87
C GLU A 7 -25.40 7.36 -29.08
N LYS A 8 -25.99 7.33 -30.27
CA LYS A 8 -27.08 6.39 -30.59
C LYS A 8 -26.63 4.93 -30.65
N ASP A 9 -25.35 4.72 -30.92
CA ASP A 9 -24.75 3.39 -31.05
C ASP A 9 -24.51 2.74 -29.69
N ALA A 10 -24.46 3.56 -28.64
CA ALA A 10 -24.16 3.08 -27.29
C ALA A 10 -25.18 2.09 -26.74
N SER A 11 -26.43 2.17 -27.21
CA SER A 11 -27.47 1.25 -26.76
C SER A 11 -27.44 -0.11 -27.46
N ASP A 12 -26.51 -0.29 -28.41
CA ASP A 12 -26.35 -1.55 -29.11
C ASP A 12 -25.28 -2.46 -28.51
N TRP A 13 -24.64 -1.97 -27.45
CA TRP A 13 -23.57 -2.69 -26.78
C TRP A 13 -23.99 -2.94 -25.33
N ILE A 14 -23.90 -4.18 -24.87
CA ILE A 14 -24.21 -4.51 -23.47
C ILE A 14 -23.00 -4.99 -22.68
N TYR A 15 -23.01 -4.71 -21.38
CA TYR A 15 -21.92 -5.07 -20.47
C TYR A 15 -21.56 -6.54 -20.58
N ARG A 16 -20.26 -6.80 -20.65
CA ARG A 16 -19.74 -8.16 -20.65
C ARG A 16 -18.85 -8.44 -19.42
N GLY A 17 -18.08 -7.45 -18.99
CA GLY A 17 -17.24 -7.54 -17.79
C GLY A 17 -16.08 -6.57 -17.87
N GLU A 18 -15.09 -6.72 -16.99
CA GLU A 18 -13.88 -5.90 -17.06
C GLU A 18 -12.64 -6.48 -16.34
N GLY A 19 -11.46 -6.09 -16.81
CA GLY A 19 -10.22 -6.32 -16.10
C GLY A 19 -9.77 -5.08 -15.33
N GLY A 20 -8.48 -5.01 -15.03
CA GLY A 20 -7.93 -3.84 -14.39
C GLY A 20 -7.90 -2.67 -15.36
N ALA A 21 -7.48 -2.96 -16.60
CA ALA A 21 -7.27 -1.93 -17.64
C ALA A 21 -8.50 -1.56 -18.49
N ASN A 22 -9.36 -2.56 -18.76
CA ASN A 22 -10.41 -2.44 -19.76
C ASN A 22 -11.78 -2.86 -19.29
N LEU A 23 -12.77 -2.23 -19.94
CA LEU A 23 -14.17 -2.52 -19.79
C LEU A 23 -14.58 -3.17 -21.09
N VAL A 24 -15.19 -4.35 -21.04
CA VAL A 24 -15.55 -5.09 -22.27
C VAL A 24 -17.07 -5.13 -22.45
N LEU A 25 -17.55 -4.67 -23.60
CA LEU A 25 -18.97 -4.82 -23.99
C LEU A 25 -19.17 -5.70 -25.24
N ALA A 26 -20.32 -6.38 -25.29
CA ALA A 26 -20.67 -7.26 -26.40
C ALA A 26 -21.76 -6.65 -27.29
N TYR A 27 -21.75 -7.00 -28.57
CA TYR A 27 -22.74 -6.48 -29.49
C TYR A 27 -24.06 -7.18 -29.33
N ALA A 28 -25.12 -6.38 -29.29
CA ALA A 28 -26.49 -6.88 -29.20
C ALA A 28 -27.37 -6.26 -30.28
N GLY A 29 -26.74 -5.59 -31.26
CA GLY A 29 -27.49 -5.01 -32.38
C GLY A 29 -27.47 -5.90 -33.60
N SER A 30 -27.83 -5.32 -34.75
CA SER A 30 -28.01 -6.04 -36.01
C SER A 30 -26.87 -5.86 -37.02
N SER A 31 -26.15 -4.75 -36.92
CA SER A 31 -25.08 -4.42 -37.86
C SER A 31 -24.12 -5.58 -38.13
N PRO A 32 -23.98 -6.00 -39.40
CA PRO A 32 -23.03 -7.05 -39.81
C PRO A 32 -21.55 -6.73 -39.58
N LEU A 33 -21.21 -5.47 -39.36
CA LEU A 33 -19.85 -5.10 -38.97
C LEU A 33 -19.55 -5.54 -37.54
N PHE A 34 -20.59 -5.60 -36.71
CA PHE A 34 -20.42 -5.75 -35.27
C PHE A 34 -20.96 -7.03 -34.66
N VAL A 35 -21.82 -7.75 -35.39
CA VAL A 35 -22.31 -9.06 -34.94
C VAL A 35 -21.14 -10.00 -34.66
N GLY A 36 -21.19 -10.63 -33.49
CA GLY A 36 -20.14 -11.50 -33.00
C GLY A 36 -18.84 -10.80 -32.61
N LYS A 37 -18.94 -9.54 -32.20
CA LYS A 37 -17.76 -8.76 -31.80
C LYS A 37 -17.92 -8.30 -30.36
N VAL A 38 -16.80 -7.93 -29.74
CA VAL A 38 -16.83 -7.25 -28.44
C VAL A 38 -16.03 -5.97 -28.52
N ILE A 39 -16.36 -5.02 -27.66
CA ILE A 39 -15.61 -3.77 -27.66
C ILE A 39 -14.82 -3.62 -26.36
N ARG A 40 -13.54 -3.35 -26.53
CA ARG A 40 -12.61 -3.20 -25.42
C ARG A 40 -12.38 -1.71 -25.24
N ILE A 41 -12.65 -1.20 -24.05
CA ILE A 41 -12.54 0.24 -23.80
C ILE A 41 -11.63 0.51 -22.61
N GLN A 42 -10.61 1.36 -22.81
CA GLN A 42 -9.65 1.65 -21.74
C GLN A 42 -10.20 2.53 -20.62
N LYS A 43 -9.77 2.23 -19.41
CA LYS A 43 -10.25 2.92 -18.20
C LYS A 43 -9.29 4.02 -17.76
N ALA A 44 -9.87 5.14 -17.32
CA ALA A 44 -9.07 6.21 -16.71
C ALA A 44 -8.89 5.89 -15.25
N ARG A 45 -7.68 5.46 -14.91
CA ARG A 45 -7.33 5.13 -13.53
C ARG A 45 -7.19 6.41 -12.70
N ARG A 46 -8.00 6.52 -11.63
CA ARG A 46 -7.92 7.66 -10.71
C ARG A 46 -6.71 7.54 -9.78
N ASN A 47 -6.08 6.37 -9.84
CA ASN A 47 -4.79 6.11 -9.21
C ASN A 47 -3.64 6.68 -10.03
N ASP A 48 -3.79 6.63 -11.35
CA ASP A 48 -2.78 7.11 -12.30
C ASP A 48 -3.19 8.42 -12.99
N SER A 59 3.42 10.83 -24.40
CA SER A 59 2.06 10.70 -23.87
C SER A 59 1.59 9.24 -23.91
N VAL A 60 1.87 8.53 -25.00
CA VAL A 60 1.56 7.09 -25.16
C VAL A 60 2.50 6.19 -24.36
N LEU A 61 3.77 6.59 -24.33
CA LEU A 61 4.84 5.90 -23.63
C LEU A 61 5.73 6.93 -22.96
N THR A 62 6.41 6.54 -21.89
CA THR A 62 7.34 7.42 -21.22
C THR A 62 8.67 7.36 -21.95
N SER A 63 9.58 8.26 -21.58
CA SER A 63 10.88 8.32 -22.22
C SER A 63 11.62 7.00 -22.06
N ASP A 64 11.68 6.52 -20.81
CA ASP A 64 12.34 5.26 -20.48
C ASP A 64 11.69 4.07 -21.21
N GLU A 65 10.36 4.12 -21.37
CA GLU A 65 9.63 3.14 -22.16
C GLU A 65 10.06 3.12 -23.62
N GLN A 66 10.19 4.30 -24.23
CA GLN A 66 10.61 4.41 -25.62
C GLN A 66 11.98 3.81 -25.84
N HIS A 67 12.88 4.01 -24.87
CA HIS A 67 14.18 3.35 -24.95
C HIS A 67 14.06 1.84 -24.85
N LEU A 68 13.16 1.32 -24.01
CA LEU A 68 13.05 -0.13 -23.85
C LEU A 68 12.48 -0.86 -25.08
N TRP A 69 11.47 -0.29 -25.71
CA TRP A 69 10.86 -0.91 -26.90
C TRP A 69 11.48 -0.41 -28.22
N ARG A 70 12.55 0.40 -28.11
CA ARG A 70 13.36 0.88 -29.24
C ARG A 70 13.38 -0.08 -30.44
N GLU A 71 13.62 -1.35 -30.15
CA GLU A 71 13.75 -2.42 -31.15
C GLU A 71 12.55 -2.57 -32.06
N ASN A 72 11.37 -2.22 -31.55
CA ASN A 72 10.14 -2.35 -32.32
C ASN A 72 9.52 -0.98 -32.54
N ASN A 73 9.93 -0.32 -33.63
CA ASN A 73 9.64 1.10 -33.85
C ASN A 73 8.17 1.44 -34.06
N GLU A 74 7.44 0.52 -34.69
CA GLU A 74 6.00 0.71 -34.91
C GLU A 74 5.26 0.94 -33.58
N LEU A 75 5.75 0.30 -32.51
CA LEU A 75 5.25 0.45 -31.17
C LEU A 75 5.46 1.89 -30.65
N ILE A 76 6.72 2.34 -30.58
CA ILE A 76 7.07 3.68 -30.06
C ILE A 76 6.42 4.86 -30.81
N SER A 77 5.98 4.61 -32.05
CA SER A 77 5.33 5.63 -32.87
C SER A 77 3.80 5.46 -32.97
N SER A 78 3.21 4.85 -31.95
CA SER A 78 1.76 4.70 -31.86
C SER A 78 1.08 6.03 -31.55
N PRO A 79 0.08 6.44 -32.38
CA PRO A 79 -0.63 7.69 -32.09
C PRO A 79 -1.38 7.67 -30.75
N ASN A 80 -1.84 6.49 -30.34
CA ASN A 80 -2.59 6.37 -29.08
C ASN A 80 -2.54 4.95 -28.49
N LYS A 81 -2.96 4.87 -27.22
CA LYS A 81 -2.93 3.66 -26.41
C LYS A 81 -3.57 2.44 -27.07
N GLU A 82 -4.68 2.65 -27.77
CA GLU A 82 -5.37 1.58 -28.49
C GLU A 82 -4.45 0.92 -29.52
N VAL A 83 -3.90 1.76 -30.41
CA VAL A 83 -2.92 1.33 -31.41
C VAL A 83 -1.75 0.62 -30.75
N LEU A 84 -1.28 1.19 -29.64
CA LEU A 84 -0.18 0.63 -28.84
C LEU A 84 -0.42 -0.83 -28.46
N GLU A 85 -1.59 -1.09 -27.88
CA GLU A 85 -2.01 -2.44 -27.45
C GLU A 85 -2.10 -3.40 -28.62
N GLN A 86 -2.71 -2.92 -29.70
CA GLN A 86 -2.89 -3.69 -30.93
C GLN A 86 -1.55 -4.15 -31.48
N ARG A 87 -0.61 -3.20 -31.52
CA ARG A 87 0.70 -3.44 -32.07
C ARG A 87 1.55 -4.33 -31.16
N TYR A 88 1.41 -4.11 -29.86
CA TYR A 88 2.09 -4.94 -28.87
C TYR A 88 1.71 -6.40 -29.15
N VAL A 89 0.40 -6.69 -29.19
CA VAL A 89 -0.10 -8.04 -29.46
C VAL A 89 0.41 -8.59 -30.80
N GLN A 90 0.30 -7.76 -31.84
CA GLN A 90 0.63 -8.13 -33.22
C GLN A 90 2.11 -8.42 -33.44
N ASN A 91 2.96 -7.50 -33.02
CA ASN A 91 4.39 -7.57 -33.30
C ASN A 91 5.25 -8.27 -32.23
N VAL A 92 4.82 -8.24 -30.97
CA VAL A 92 5.59 -8.87 -29.90
C VAL A 92 5.01 -10.22 -29.47
N ILE A 93 3.70 -10.28 -29.22
CA ILE A 93 3.07 -11.49 -28.67
C ILE A 93 2.79 -12.60 -29.72
N ILE A 94 2.14 -12.25 -30.82
CA ILE A 94 1.86 -13.17 -31.93
C ILE A 94 3.08 -14.00 -32.44
N PRO A 95 4.24 -13.34 -32.68
CA PRO A 95 5.44 -14.07 -33.10
C PRO A 95 5.86 -15.17 -32.13
N LEU A 96 5.36 -15.09 -30.90
CA LEU A 96 5.78 -15.93 -29.81
C LEU A 96 4.76 -17.04 -29.54
N LEU A 97 3.47 -16.70 -29.63
CA LEU A 97 2.40 -17.62 -29.32
C LEU A 97 1.73 -18.21 -30.56
N GLY A 98 1.88 -17.52 -31.68
CA GLY A 98 1.28 -17.97 -32.94
C GLY A 98 -0.05 -17.30 -33.22
N PRO A 99 -0.37 -17.08 -34.51
CA PRO A 99 -1.60 -16.42 -34.94
C PRO A 99 -2.88 -17.25 -34.78
N LYS A 100 -2.73 -18.58 -34.67
CA LYS A 100 -3.88 -19.49 -34.52
C LYS A 100 -4.70 -19.22 -33.26
N HIS A 101 -4.02 -18.83 -32.18
CA HIS A 101 -4.69 -18.63 -30.91
C HIS A 101 -4.71 -17.20 -30.42
N VAL A 102 -4.18 -16.29 -31.22
CA VAL A 102 -4.16 -14.91 -30.78
C VAL A 102 -4.75 -14.03 -31.86
N ASP A 103 -5.53 -13.05 -31.41
CA ASP A 103 -6.25 -12.14 -32.28
C ASP A 103 -5.94 -10.71 -31.81
N ALA A 104 -5.47 -9.85 -32.72
CA ALA A 104 -4.94 -8.54 -32.33
C ALA A 104 -5.97 -7.44 -32.14
N GLY A 105 -7.13 -7.56 -32.77
CA GLY A 105 -8.15 -6.53 -32.67
C GLY A 105 -7.97 -5.42 -33.70
N VAL A 106 -9.03 -4.66 -33.93
CA VAL A 106 -9.02 -3.58 -34.91
C VAL A 106 -9.49 -2.26 -34.30
N ARG A 107 -8.77 -1.19 -34.64
CA ARG A 107 -9.10 0.19 -34.24
C ARG A 107 -10.47 0.63 -34.72
N VAL A 108 -11.16 1.45 -33.92
CA VAL A 108 -12.41 2.09 -34.34
C VAL A 108 -12.48 3.44 -33.63
N SER A 109 -12.97 4.47 -34.32
CA SER A 109 -13.10 5.77 -33.68
C SER A 109 -14.38 5.85 -32.86
N VAL A 110 -14.34 6.57 -31.75
CA VAL A 110 -15.49 6.71 -30.87
C VAL A 110 -15.58 8.15 -30.41
N SER A 111 -16.81 8.63 -30.23
CA SER A 111 -17.04 9.98 -29.75
C SER A 111 -16.99 10.03 -28.24
N LYS A 112 -16.58 11.18 -27.72
CA LYS A 112 -16.64 11.46 -26.28
C LYS A 112 -18.03 11.14 -25.72
N GLU A 113 -19.07 11.57 -26.43
CA GLU A 113 -20.47 11.32 -26.04
C GLU A 113 -20.81 9.83 -25.99
N PHE A 114 -20.33 9.06 -26.96
CA PHE A 114 -20.48 7.62 -26.95
C PHE A 114 -19.91 7.03 -25.66
N LEU A 115 -18.65 7.37 -25.38
CA LEU A 115 -17.96 6.90 -24.18
C LEU A 115 -18.68 7.31 -22.90
N GLU A 116 -18.95 8.61 -22.79
CA GLU A 116 -19.72 9.17 -21.67
C GLU A 116 -21.02 8.39 -21.51
N CYS A 117 -21.65 8.08 -22.64
CA CYS A 117 -22.92 7.40 -22.62
C CYS A 117 -22.78 5.96 -22.17
N VAL A 118 -21.83 5.24 -22.75
CA VAL A 118 -21.55 3.85 -22.37
C VAL A 118 -21.26 3.77 -20.86
N ASP A 119 -20.34 4.61 -20.39
CA ASP A 119 -19.97 4.62 -18.99
C ASP A 119 -21.17 4.75 -18.04
N LYS A 120 -22.11 5.61 -18.41
CA LYS A 120 -23.28 5.87 -17.60
C LYS A 120 -24.19 4.64 -17.65
N LYS A 121 -24.33 4.07 -18.84
CA LYS A 121 -25.19 2.92 -19.09
C LYS A 121 -24.84 1.71 -18.22
N VAL A 122 -23.54 1.47 -18.03
CA VAL A 122 -23.06 0.22 -17.42
C VAL A 122 -22.71 0.34 -15.93
N THR A 123 -22.76 1.57 -15.43
CA THR A 123 -22.50 1.88 -14.02
C THR A 123 -23.20 0.93 -13.02
N LYS A 124 -24.49 0.68 -13.24
CA LYS A 124 -25.22 -0.15 -12.29
C LYS A 124 -25.03 -1.67 -12.45
N GLN A 125 -24.18 -2.06 -13.41
CA GLN A 125 -23.84 -3.49 -13.60
C GLN A 125 -22.39 -3.79 -13.21
N ARG A 126 -21.63 -2.73 -12.95
CA ARG A 126 -20.24 -2.80 -12.48
C ARG A 126 -20.18 -2.96 -10.96
N PRO A 127 -19.20 -3.74 -10.46
CA PRO A 127 -18.96 -3.80 -9.02
C PRO A 127 -18.58 -2.42 -8.52
N LEU A 128 -19.11 -2.06 -7.35
CA LEU A 128 -18.89 -0.72 -6.79
C LEU A 128 -17.40 -0.41 -6.58
N TRP A 129 -16.61 -1.38 -6.13
CA TRP A 129 -15.17 -1.17 -5.98
C TRP A 129 -14.46 -0.90 -7.32
N ARG A 130 -14.99 -1.47 -8.41
CA ARG A 130 -14.43 -1.22 -9.74
C ARG A 130 -14.74 0.20 -10.15
N VAL A 131 -16.00 0.62 -9.96
CA VAL A 131 -16.43 2.00 -10.15
C VAL A 131 -15.53 2.95 -9.34
N ASN A 132 -15.29 2.61 -8.08
CA ASN A 132 -14.46 3.42 -7.19
C ASN A 132 -13.03 3.59 -7.69
N ALA A 133 -12.49 2.57 -8.37
CA ALA A 133 -11.10 2.63 -8.78
C ALA A 133 -10.92 3.40 -10.07
N ALA A 134 -11.82 3.18 -11.02
CA ALA A 134 -11.65 3.72 -12.37
C ALA A 134 -12.96 3.80 -13.14
N ASN A 135 -13.06 4.81 -14.00
CA ASN A 135 -14.15 4.94 -14.97
C ASN A 135 -13.58 4.80 -16.38
N VAL A 136 -14.47 4.76 -17.38
CA VAL A 136 -14.02 4.83 -18.77
C VAL A 136 -13.29 6.14 -19.02
N ASP A 137 -12.26 6.08 -19.86
CA ASP A 137 -11.51 7.27 -20.21
C ASP A 137 -12.16 7.98 -21.38
N THR A 138 -12.91 9.04 -21.07
CA THR A 138 -13.71 9.73 -22.08
C THR A 138 -12.87 10.61 -22.99
N SER A 139 -11.56 10.66 -22.73
CA SER A 139 -10.65 11.50 -23.51
C SER A 139 -10.10 10.79 -24.75
N HIS A 140 -10.26 9.47 -24.80
CA HIS A 140 -9.79 8.67 -25.92
C HIS A 140 -10.73 8.82 -27.09
N ASP A 141 -10.18 8.79 -28.30
CA ASP A 141 -10.97 8.95 -29.51
C ASP A 141 -11.14 7.60 -30.20
N SER A 142 -10.53 6.57 -29.62
CA SER A 142 -10.47 5.25 -30.24
C SER A 142 -10.88 4.13 -29.29
N ALA A 143 -11.18 2.96 -29.86
CA ALA A 143 -11.45 1.74 -29.10
C ALA A 143 -11.02 0.53 -29.92
N LEU A 144 -11.12 -0.66 -29.33
CA LEU A 144 -10.73 -1.88 -30.00
C LEU A 144 -11.88 -2.86 -30.20
N ILE A 145 -11.95 -3.41 -31.40
CA ILE A 145 -12.96 -4.40 -31.76
C ILE A 145 -12.30 -5.78 -31.98
N LEU A 146 -12.78 -6.77 -31.23
CA LEU A 146 -12.24 -8.12 -31.27
C LEU A 146 -13.36 -9.10 -31.53
N ASN A 147 -13.02 -10.25 -32.11
CA ASN A 147 -14.01 -11.31 -32.27
C ASN A 147 -14.48 -11.76 -30.91
N ASP A 148 -15.78 -11.96 -30.74
CA ASP A 148 -16.29 -12.53 -29.49
C ASP A 148 -16.18 -14.05 -29.54
N HIS A 149 -15.20 -14.57 -28.82
CA HIS A 149 -14.92 -16.01 -28.82
C HIS A 149 -15.87 -16.86 -27.98
N SER A 150 -16.92 -16.25 -27.42
CA SER A 150 -17.99 -17.04 -26.78
C SER A 150 -19.04 -17.41 -27.83
N LEU A 151 -18.86 -16.85 -29.02
CA LEU A 151 -19.41 -17.42 -30.24
C LEU A 151 -18.27 -18.26 -30.85
N PHE A 152 -18.64 -19.32 -31.59
CA PHE A 152 -17.64 -20.25 -32.14
C PHE A 152 -16.78 -19.62 -33.25
N SER A 153 -17.31 -19.51 -34.46
CA SER A 153 -16.52 -18.99 -35.59
C SER A 153 -17.35 -18.13 -36.57
N GLY A 160 -25.00 -23.69 -33.97
CA GLY A 160 -25.92 -24.13 -32.91
C GLY A 160 -25.75 -23.45 -31.58
N ASP A 161 -25.81 -24.22 -30.49
CA ASP A 161 -25.51 -23.73 -29.15
C ASP A 161 -24.01 -23.65 -28.93
N CYS A 162 -23.56 -22.69 -28.12
CA CYS A 162 -22.15 -22.62 -27.81
C CYS A 162 -21.81 -22.33 -26.34
N ILE A 163 -21.19 -23.30 -25.69
CA ILE A 163 -20.75 -23.17 -24.31
C ILE A 163 -19.29 -22.80 -24.34
N SER A 164 -18.93 -21.81 -23.53
CA SER A 164 -17.59 -21.25 -23.57
C SER A 164 -17.07 -21.05 -22.18
N VAL A 165 -15.75 -21.20 -22.03
CA VAL A 165 -15.09 -21.25 -20.73
C VAL A 165 -13.86 -20.38 -20.71
N GLU A 166 -13.84 -19.42 -19.79
CA GLU A 166 -12.74 -18.46 -19.66
C GLU A 166 -11.92 -18.76 -18.41
N ILE A 167 -10.64 -19.10 -18.61
CA ILE A 167 -9.72 -19.34 -17.49
C ILE A 167 -8.64 -18.28 -17.45
N LYS A 168 -8.42 -17.70 -16.28
CA LYS A 168 -7.26 -16.83 -16.06
C LYS A 168 -6.22 -17.61 -15.22
N PRO A 169 -5.30 -18.33 -15.88
CA PRO A 169 -4.45 -19.31 -15.17
C PRO A 169 -3.41 -18.73 -14.21
N LYS A 170 -2.98 -17.49 -14.42
CA LYS A 170 -1.87 -16.87 -13.62
C LYS A 170 -0.56 -17.64 -13.79
N CYS A 171 0.36 -17.52 -12.84
CA CYS A 171 1.68 -18.07 -13.09
C CYS A 171 1.81 -19.54 -12.71
N GLY A 172 2.32 -20.36 -13.62
CA GLY A 172 2.38 -21.80 -13.36
C GLY A 172 3.73 -22.45 -13.11
N PHE A 173 4.71 -21.71 -12.59
CA PHE A 173 6.00 -22.29 -12.24
C PHE A 173 6.61 -21.67 -10.99
N LEU A 174 7.61 -22.34 -10.44
CA LEU A 174 8.30 -21.85 -9.26
C LEU A 174 9.63 -21.20 -9.63
N PRO A 175 9.95 -20.03 -9.02
CA PRO A 175 11.25 -19.38 -9.27
C PRO A 175 12.39 -20.23 -8.77
N THR A 176 13.55 -20.05 -9.40
CA THR A 176 14.71 -20.90 -9.19
C THR A 176 15.88 -20.02 -8.84
N SER A 177 15.78 -18.77 -9.26
CA SER A 177 16.85 -17.77 -9.18
C SER A 177 17.85 -17.82 -7.99
N ARG A 178 19.11 -17.57 -8.33
CA ARG A 178 20.16 -17.31 -7.37
C ARG A 178 19.88 -16.04 -6.54
N PHE A 179 18.97 -15.20 -7.02
CA PHE A 179 18.81 -13.84 -6.48
C PHE A 179 17.75 -13.70 -5.42
N ILE A 180 17.18 -14.84 -5.00
CA ILE A 180 16.18 -14.81 -3.93
C ILE A 180 16.87 -14.81 -2.58
N GLY A 181 16.50 -13.84 -1.75
CA GLY A 181 17.16 -13.65 -0.47
C GLY A 181 17.00 -14.84 0.43
N LYS A 182 18.01 -15.04 1.28
CA LYS A 182 18.01 -16.07 2.29
C LYS A 182 16.65 -16.19 3.00
N GLU A 183 16.13 -15.04 3.43
CA GLU A 183 14.87 -14.97 4.20
C GLU A 183 13.63 -15.31 3.37
N ASN A 184 13.78 -15.27 2.06
CA ASN A 184 12.64 -15.39 1.16
C ASN A 184 12.48 -16.73 0.50
N MET A 185 13.16 -17.75 1.03
CA MET A 185 13.31 -19.02 0.33
C MET A 185 12.04 -19.80 0.09
N LEU A 186 10.96 -19.41 0.75
CA LEU A 186 9.68 -20.10 0.62
C LEU A 186 9.03 -19.87 -0.76
N LYS A 187 9.44 -18.79 -1.45
CA LYS A 187 9.07 -18.57 -2.86
C LYS A 187 9.52 -19.70 -3.77
N THR A 188 10.32 -20.62 -3.23
CA THR A 188 10.86 -21.72 -4.02
C THR A 188 9.95 -22.95 -4.01
N SER A 189 9.18 -23.10 -2.93
CA SER A 189 8.31 -24.24 -2.72
C SER A 189 6.86 -23.91 -3.01
N VAL A 190 6.46 -22.70 -2.62
CA VAL A 190 5.06 -22.30 -2.65
C VAL A 190 4.81 -21.28 -3.77
N SER A 191 3.78 -21.54 -4.57
CA SER A 191 3.48 -20.71 -5.73
C SER A 191 3.04 -19.30 -5.35
N ARG A 192 3.24 -18.36 -6.26
CA ARG A 192 2.90 -16.97 -6.03
C ARG A 192 1.40 -16.80 -5.77
N PHE A 193 0.58 -17.47 -6.58
CA PHE A 193 -0.87 -17.36 -6.46
C PHE A 193 -1.32 -17.80 -5.08
N LYS A 194 -0.70 -18.85 -4.56
CA LYS A 194 -1.06 -19.35 -3.24
C LYS A 194 -0.73 -18.36 -2.15
N MET A 195 0.40 -17.66 -2.31
CA MET A 195 0.86 -16.71 -1.30
C MET A 195 -0.01 -15.48 -1.31
N HIS A 196 -0.24 -14.97 -2.51
CA HIS A 196 -1.09 -13.81 -2.71
C HIS A 196 -2.49 -14.00 -2.11
N GLN A 197 -3.02 -15.23 -2.23
CA GLN A 197 -4.31 -15.58 -1.66
C GLN A 197 -4.41 -15.13 -0.22
N LEU A 198 -3.36 -15.40 0.54
CA LEU A 198 -3.34 -15.09 1.96
C LEU A 198 -3.37 -13.59 2.24
N LEU A 199 -2.62 -12.83 1.42
CA LEU A 199 -2.60 -11.37 1.55
C LEU A 199 -3.95 -10.79 1.15
N LYS A 200 -4.49 -11.26 0.03
CA LYS A 200 -5.83 -10.87 -0.44
C LYS A 200 -6.91 -11.06 0.64
N LEU A 201 -6.82 -12.17 1.39
CA LEU A 201 -7.79 -12.50 2.42
C LEU A 201 -7.71 -11.48 3.51
N GLU A 202 -6.49 -11.23 3.93
CA GLU A 202 -6.16 -10.25 4.94
C GLU A 202 -6.72 -8.88 4.58
N TYR A 203 -6.76 -8.58 3.29
CA TYR A 203 -7.23 -7.28 2.85
C TYR A 203 -8.70 -7.25 2.45
N ILE A 204 -9.46 -8.26 2.88
CA ILE A 204 -10.89 -8.38 2.56
C ILE A 204 -11.16 -8.25 1.04
N GLU A 205 -10.24 -8.77 0.25
CA GLU A 205 -10.36 -8.74 -1.21
C GLU A 205 -11.08 -9.98 -1.74
N ILE A 206 -11.08 -11.03 -0.92
CA ILE A 206 -11.71 -12.29 -1.26
C ILE A 206 -12.35 -12.83 0.01
N SER A 207 -13.37 -13.65 -0.13
CA SER A 207 -14.09 -14.18 1.04
C SER A 207 -13.36 -15.37 1.64
N GLU A 208 -12.79 -16.22 0.79
CA GLU A 208 -12.08 -17.41 1.26
C GLU A 208 -10.98 -17.73 0.28
N GLU A 209 -9.99 -18.48 0.75
CA GLU A 209 -8.85 -18.88 -0.08
C GLU A 209 -9.33 -19.75 -1.24
N SER A 210 -8.75 -19.55 -2.42
CA SER A 210 -9.09 -20.36 -3.59
C SER A 210 -8.53 -21.77 -3.44
N GLU A 211 -9.23 -22.72 -4.04
CA GLU A 211 -8.80 -24.09 -4.07
C GLU A 211 -7.91 -24.37 -5.27
N TYR A 212 -7.72 -23.35 -6.10
CA TYR A 212 -6.96 -23.51 -7.34
C TYR A 212 -5.44 -23.43 -7.11
N ASP A 213 -4.71 -24.30 -7.79
CA ASP A 213 -3.25 -24.29 -7.78
C ASP A 213 -2.73 -24.41 -9.21
N PRO A 214 -2.22 -23.30 -9.77
CA PRO A 214 -1.78 -23.27 -11.17
C PRO A 214 -0.73 -24.34 -11.49
N LEU A 215 0.06 -24.72 -10.49
CA LEU A 215 1.08 -25.74 -10.67
C LEU A 215 0.46 -27.03 -11.20
N ASP A 216 -0.82 -27.25 -10.88
CA ASP A 216 -1.53 -28.40 -11.41
C ASP A 216 -1.93 -28.15 -12.84
N LEU A 217 -2.47 -26.98 -13.12
CA LEU A 217 -2.98 -26.68 -14.44
C LEU A 217 -1.88 -26.75 -15.51
N PHE A 218 -0.69 -26.24 -15.18
CA PHE A 218 0.44 -26.23 -16.09
C PHE A 218 1.33 -27.46 -15.99
N SER A 219 0.98 -28.40 -15.12
CA SER A 219 1.82 -29.53 -14.78
C SER A 219 2.05 -30.54 -15.90
N GLY A 220 1.15 -30.58 -16.88
CA GLY A 220 1.30 -31.55 -17.96
C GLY A 220 0.78 -32.93 -17.60
N SER A 221 0.41 -33.11 -16.33
CA SER A 221 -0.28 -34.32 -15.87
C SER A 221 -1.79 -34.14 -16.06
N LYS A 222 -2.41 -35.13 -16.72
CA LYS A 222 -3.83 -35.08 -17.10
C LYS A 222 -4.75 -35.06 -15.89
N GLU A 223 -4.41 -35.86 -14.90
CA GLU A 223 -5.17 -35.95 -13.67
C GLU A 223 -5.09 -34.65 -12.85
N ARG A 224 -3.90 -34.06 -12.79
CA ARG A 224 -3.74 -32.76 -12.14
C ARG A 224 -4.42 -31.63 -12.91
N VAL A 225 -4.57 -31.80 -14.22
CA VAL A 225 -5.30 -30.80 -15.00
C VAL A 225 -6.77 -30.79 -14.59
N LEU A 226 -7.36 -31.99 -14.53
CA LEU A 226 -8.75 -32.17 -14.10
C LEU A 226 -8.97 -31.74 -12.66
N GLU A 227 -7.96 -31.91 -11.84
CA GLU A 227 -8.01 -31.46 -10.47
C GLU A 227 -8.07 -29.92 -10.38
N ALA A 228 -7.32 -29.25 -11.26
CA ALA A 228 -7.36 -27.77 -11.32
C ALA A 228 -8.72 -27.25 -11.80
N ILE A 229 -9.31 -27.92 -12.79
CA ILE A 229 -10.62 -27.55 -13.32
C ILE A 229 -11.71 -27.72 -12.27
N LYS A 230 -11.68 -28.84 -11.54
CA LYS A 230 -12.61 -29.06 -10.45
C LYS A 230 -12.51 -27.93 -9.40
N ALA A 231 -11.28 -27.55 -9.06
CA ALA A 231 -11.03 -26.48 -8.09
C ALA A 231 -11.48 -25.12 -8.63
N LEU A 232 -11.22 -24.85 -9.90
CA LEU A 232 -11.66 -23.62 -10.54
C LEU A 232 -13.18 -23.48 -10.49
N TYR A 233 -13.89 -24.58 -10.78
CA TYR A 233 -15.34 -24.65 -10.63
C TYR A 233 -15.72 -24.31 -9.20
N SER A 234 -14.99 -24.86 -8.25
CA SER A 234 -15.32 -24.76 -6.82
C SER A 234 -15.27 -23.33 -6.30
N THR A 235 -14.12 -22.68 -6.50
CA THR A 235 -13.91 -21.31 -6.07
C THR A 235 -13.42 -20.50 -7.26
N PRO A 236 -14.36 -20.06 -8.12
CA PRO A 236 -13.98 -19.33 -9.33
C PRO A 236 -13.15 -18.05 -9.08
N GLN A 237 -13.49 -17.27 -8.07
CA GLN A 237 -12.91 -15.93 -7.89
C GLN A 237 -12.88 -15.18 -9.24
N ASN A 238 -11.69 -14.78 -9.70
CA ASN A 238 -11.62 -14.08 -10.99
C ASN A 238 -10.91 -14.93 -12.05
N ASN A 239 -10.91 -16.23 -11.84
CA ASN A 239 -10.13 -17.12 -12.70
C ASN A 239 -10.93 -18.06 -13.59
N PHE A 240 -12.22 -18.22 -13.28
CA PHE A 240 -13.08 -19.10 -14.04
C PHE A 240 -14.39 -18.42 -14.42
N ARG A 241 -14.79 -18.58 -15.67
CA ARG A 241 -16.08 -18.13 -16.17
C ARG A 241 -16.59 -19.08 -17.23
N VAL A 242 -17.90 -19.31 -17.23
CA VAL A 242 -18.55 -20.11 -18.25
C VAL A 242 -19.71 -19.31 -18.89
N PHE A 243 -19.83 -19.41 -20.22
CA PHE A 243 -20.86 -18.70 -21.01
C PHE A 243 -21.71 -19.63 -21.87
N LEU A 244 -23.03 -19.43 -21.86
CA LEU A 244 -23.87 -20.10 -22.83
C LEU A 244 -24.33 -19.05 -23.81
N ASN A 245 -23.90 -19.19 -25.05
CA ASN A 245 -24.22 -18.26 -26.13
C ASN A 245 -24.00 -16.80 -25.75
N GLY A 246 -22.96 -16.56 -24.98
CA GLY A 246 -22.63 -15.20 -24.61
C GLY A 246 -23.10 -14.73 -23.25
N SER A 247 -24.24 -15.23 -22.77
CA SER A 247 -24.61 -14.88 -21.40
C SER A 247 -23.92 -15.77 -20.37
N LEU A 248 -23.34 -15.10 -19.39
CA LEU A 248 -22.62 -15.69 -18.27
C LEU A 248 -23.50 -16.66 -17.50
N ILE A 249 -22.98 -17.85 -17.22
CA ILE A 249 -23.73 -18.85 -16.44
C ILE A 249 -22.93 -19.43 -15.27
N LEU A 250 -21.71 -18.98 -15.09
CA LEU A 250 -20.90 -19.29 -13.91
C LEU A 250 -19.79 -18.27 -13.71
N GLY A 251 -19.47 -17.99 -12.46
CA GLY A 251 -18.41 -17.06 -12.13
C GLY A 251 -18.91 -15.64 -12.22
N GLY A 252 -18.04 -14.70 -11.87
CA GLY A 252 -18.45 -13.29 -11.69
C GLY A 252 -18.32 -12.41 -12.91
N GLU A 255 -15.35 -9.00 -11.84
CA GLU A 255 -14.80 -9.12 -10.49
C GLU A 255 -14.54 -10.56 -10.08
N SER A 256 -14.13 -10.70 -8.82
CA SER A 256 -13.93 -11.97 -8.14
C SER A 256 -15.25 -12.45 -7.48
N THR A 257 -15.59 -13.72 -7.65
CA THR A 257 -16.82 -14.26 -7.10
C THR A 257 -16.60 -15.35 -6.02
N GLY A 258 -17.53 -15.44 -5.07
CA GLY A 258 -17.41 -16.40 -3.97
C GLY A 258 -17.50 -17.86 -4.38
N ARG A 259 -17.22 -18.75 -3.42
CA ARG A 259 -17.37 -20.21 -3.55
C ARG A 259 -18.68 -20.63 -4.26
N THR A 260 -18.64 -21.74 -5.00
CA THR A 260 -19.83 -22.26 -5.67
C THR A 260 -20.78 -22.94 -4.69
N SER A 261 -21.93 -22.32 -4.46
CA SER A 261 -22.95 -22.87 -3.59
C SER A 261 -23.82 -23.90 -4.33
N PRO A 262 -24.54 -24.75 -3.57
CA PRO A 262 -25.59 -25.61 -4.12
C PRO A 262 -26.59 -24.84 -4.99
N GLU A 263 -26.90 -23.61 -4.59
CA GLU A 263 -27.77 -22.72 -5.37
C GLU A 263 -27.15 -22.45 -6.75
N ILE A 264 -25.90 -21.97 -6.72
CA ILE A 264 -25.11 -21.73 -7.92
C ILE A 264 -24.99 -23.04 -8.72
N GLY A 265 -24.60 -24.10 -8.04
CA GLY A 265 -24.33 -25.38 -8.67
C GLY A 265 -25.53 -25.95 -9.39
N TYR A 266 -26.72 -25.71 -8.84
CA TYR A 266 -27.93 -26.19 -9.47
C TYR A 266 -28.32 -25.35 -10.69
N ALA A 267 -28.22 -24.02 -10.59
CA ALA A 267 -28.52 -23.13 -11.72
C ALA A 267 -27.64 -23.43 -12.94
N PHE A 268 -26.37 -23.74 -12.66
CA PHE A 268 -25.42 -24.08 -13.69
C PHE A 268 -25.79 -25.41 -14.29
N GLU A 269 -26.05 -26.40 -13.42
CA GLU A 269 -26.47 -27.72 -13.87
C GLU A 269 -27.65 -27.61 -14.83
N ASP A 270 -28.62 -26.80 -14.47
CA ASP A 270 -29.78 -26.65 -15.30
C ASP A 270 -29.44 -26.00 -16.64
N ALA A 271 -28.59 -24.99 -16.61
CA ALA A 271 -28.22 -24.26 -17.81
C ALA A 271 -27.52 -25.13 -18.85
N LEU A 272 -27.04 -26.29 -18.42
CA LEU A 272 -26.27 -27.18 -19.27
C LEU A 272 -27.10 -28.20 -20.05
N LYS A 273 -28.34 -28.41 -19.62
CA LYS A 273 -29.25 -29.38 -20.26
C LYS A 273 -29.44 -29.13 -21.76
N GLY A 274 -29.44 -30.20 -22.55
CA GLY A 274 -29.43 -30.07 -23.99
C GLY A 274 -28.03 -30.15 -24.56
N PHE A 275 -27.14 -29.27 -24.09
CA PHE A 275 -25.74 -29.30 -24.55
C PHE A 275 -24.97 -30.55 -24.09
N ILE A 276 -25.08 -30.90 -22.81
CA ILE A 276 -24.50 -32.13 -22.33
C ILE A 276 -25.58 -33.18 -22.15
N GLN A 277 -25.50 -34.21 -22.98
CA GLN A 277 -26.52 -35.22 -23.03
C GLN A 277 -26.21 -36.28 -21.97
N SER A 278 -26.45 -35.90 -20.71
CA SER A 278 -26.31 -36.77 -19.57
C SER A 278 -27.49 -36.59 -18.63
N GLU A 279 -27.68 -37.61 -17.80
CA GLU A 279 -28.76 -37.67 -16.82
C GLU A 279 -28.75 -36.44 -15.91
N ASP A 280 -29.91 -35.98 -15.49
CA ASP A 280 -30.04 -34.81 -14.61
C ASP A 280 -29.21 -34.92 -13.30
N GLY A 281 -28.23 -34.03 -13.16
CA GLY A 281 -27.26 -34.11 -12.06
C GLY A 281 -25.85 -34.55 -12.41
N HIS A 282 -25.66 -35.20 -13.57
CA HIS A 282 -24.35 -35.72 -13.97
C HIS A 282 -23.71 -34.93 -15.12
N ARG A 283 -24.34 -33.81 -15.45
CA ARG A 283 -23.91 -32.97 -16.55
C ARG A 283 -22.66 -32.19 -16.19
N THR A 284 -22.59 -31.73 -14.95
CA THR A 284 -21.46 -30.93 -14.49
C THR A 284 -20.14 -31.72 -14.56
N GLU A 285 -20.12 -32.94 -14.03
CA GLU A 285 -18.86 -33.71 -14.06
C GLU A 285 -18.42 -34.00 -15.50
N CYS A 286 -19.38 -34.21 -16.37
CA CYS A 286 -19.08 -34.37 -17.79
C CYS A 286 -18.42 -33.11 -18.35
N PHE A 287 -19.01 -31.96 -18.03
CA PHE A 287 -18.51 -30.71 -18.54
C PHE A 287 -17.08 -30.43 -18.09
N LEU A 288 -16.83 -30.61 -16.81
CA LEU A 288 -15.50 -30.41 -16.26
C LEU A 288 -14.48 -31.33 -16.95
N GLN A 289 -14.86 -32.58 -17.22
CA GLN A 289 -13.98 -33.51 -17.92
C GLN A 289 -13.73 -33.00 -19.33
N LEU A 290 -14.79 -32.48 -19.93
CA LEU A 290 -14.76 -31.93 -21.28
C LEU A 290 -13.73 -30.80 -21.38
N VAL A 291 -13.81 -29.85 -20.44
CA VAL A 291 -12.86 -28.73 -20.36
C VAL A 291 -11.44 -29.23 -20.14
N SER A 292 -11.27 -30.16 -19.20
CA SER A 292 -9.97 -30.73 -18.90
C SER A 292 -9.27 -31.34 -20.14
N ASP A 293 -9.97 -32.23 -20.84
CA ASP A 293 -9.46 -32.85 -22.07
C ASP A 293 -9.09 -31.83 -23.14
N ALA A 294 -9.82 -30.71 -23.18
CA ALA A 294 -9.57 -29.69 -24.18
C ALA A 294 -8.29 -28.92 -23.84
N VAL A 295 -8.24 -28.32 -22.65
CA VAL A 295 -7.00 -27.71 -22.19
C VAL A 295 -5.81 -28.64 -22.40
N TYR A 296 -5.86 -29.82 -21.82
CA TYR A 296 -4.75 -30.77 -21.91
C TYR A 296 -4.45 -31.20 -23.35
N GLY A 297 -5.48 -31.58 -24.10
CA GLY A 297 -5.29 -32.03 -25.47
C GLY A 297 -4.69 -30.98 -26.39
N SER A 298 -5.10 -29.72 -26.20
CA SER A 298 -4.63 -28.62 -27.02
C SER A 298 -3.19 -28.22 -26.72
N GLY A 299 -2.63 -28.76 -25.63
CA GLY A 299 -1.30 -28.39 -25.15
C GLY A 299 -1.04 -26.89 -25.16
N VAL A 300 -2.10 -26.11 -25.09
CA VAL A 300 -2.02 -24.66 -25.25
C VAL A 300 -1.39 -24.01 -24.03
N LEU A 301 -1.32 -24.75 -22.93
CA LEU A 301 -0.76 -24.24 -21.68
C LEU A 301 0.75 -24.24 -21.65
N ASP A 302 1.35 -25.18 -22.39
CA ASP A 302 2.80 -25.35 -22.40
C ASP A 302 3.47 -24.16 -23.03
N ARG A 303 2.81 -23.58 -24.02
CA ARG A 303 3.41 -22.52 -24.81
C ARG A 303 3.26 -21.20 -24.07
N LEU A 304 2.17 -21.10 -23.32
CA LEU A 304 1.98 -19.93 -22.46
C LEU A 304 3.02 -19.96 -21.35
N LEU A 305 3.33 -21.16 -20.88
CA LEU A 305 4.28 -21.32 -19.79
C LEU A 305 5.69 -20.92 -20.22
N GLU A 306 6.01 -21.12 -21.49
CA GLU A 306 7.35 -20.78 -21.97
C GLU A 306 7.56 -19.27 -22.03
N ILE A 307 6.48 -18.55 -22.33
CA ILE A 307 6.52 -17.11 -22.30
C ILE A 307 6.57 -16.60 -20.85
N GLN A 308 5.81 -17.24 -19.95
CA GLN A 308 5.90 -16.90 -18.53
C GLN A 308 7.33 -17.03 -18.01
N LYS A 309 8.02 -18.08 -18.45
CA LYS A 309 9.37 -18.38 -17.95
C LYS A 309 10.43 -17.41 -18.49
N LEU A 310 10.01 -16.40 -19.25
CA LEU A 310 10.90 -15.31 -19.63
C LEU A 310 11.26 -14.46 -18.42
N ASP A 311 10.50 -14.61 -17.33
CA ASP A 311 10.93 -14.12 -16.03
C ASP A 311 12.02 -15.08 -15.51
N LYS A 312 13.17 -15.04 -16.16
CA LYS A 312 14.34 -15.87 -15.85
C LYS A 312 14.89 -15.70 -14.44
N LEU A 313 14.82 -14.50 -13.89
CA LEU A 313 15.53 -14.14 -12.67
C LEU A 313 14.64 -13.84 -11.46
N ASP A 314 13.32 -13.77 -11.67
CA ASP A 314 12.39 -13.31 -10.64
C ASP A 314 12.55 -11.81 -10.37
N ILE A 315 11.47 -11.18 -9.92
CA ILE A 315 11.51 -9.75 -9.61
C ILE A 315 12.70 -9.38 -8.71
N GLU A 316 13.08 -10.28 -7.81
CA GLU A 316 14.21 -10.05 -6.91
C GLU A 316 15.56 -9.95 -7.62
N GLY A 317 15.63 -10.50 -8.83
CA GLY A 317 16.79 -10.32 -9.69
C GLY A 317 16.56 -9.12 -10.58
N ALA A 318 15.48 -9.19 -11.36
CA ALA A 318 15.19 -8.22 -12.43
C ALA A 318 15.20 -6.76 -11.98
N ILE A 319 14.80 -6.53 -10.73
CA ILE A 319 14.71 -5.19 -10.17
C ILE A 319 16.02 -4.43 -10.29
N HIS A 320 17.15 -5.12 -10.09
CA HIS A 320 18.47 -4.50 -10.17
C HIS A 320 18.70 -3.99 -11.59
N CYS A 321 18.32 -4.80 -12.57
CA CYS A 321 18.46 -4.43 -13.97
C CYS A 321 17.60 -3.22 -14.33
N TYR A 322 16.46 -3.08 -13.66
CA TYR A 322 15.57 -1.97 -13.92
C TYR A 322 16.25 -0.67 -13.55
N TYR A 323 16.85 -0.62 -12.35
CA TYR A 323 17.48 0.62 -11.88
C TYR A 323 18.63 1.10 -12.76
N ASP A 324 19.30 0.15 -13.41
CA ASP A 324 20.31 0.46 -14.41
C ASP A 324 19.69 1.11 -15.63
N ILE A 325 18.54 0.58 -16.06
CA ILE A 325 17.89 1.04 -17.28
C ILE A 325 17.48 2.49 -17.14
N ILE A 326 16.87 2.83 -16.02
CA ILE A 326 16.42 4.20 -15.76
C ILE A 326 17.57 5.10 -15.31
N ASN A 327 18.76 4.51 -15.18
CA ASN A 327 19.99 5.20 -14.74
C ASN A 327 19.89 5.85 -13.37
N GLN A 328 19.28 5.14 -12.43
CA GLN A 328 19.27 5.54 -11.02
C GLN A 328 20.16 4.59 -10.18
N PRO A 329 20.79 5.12 -9.11
CA PRO A 329 21.47 4.27 -8.13
C PRO A 329 20.50 3.27 -7.52
N CYS A 330 20.92 2.01 -7.39
CA CYS A 330 20.05 0.94 -6.87
C CYS A 330 19.86 1.03 -5.36
N PRO A 331 18.61 1.24 -4.90
CA PRO A 331 18.27 1.22 -3.48
C PRO A 331 18.15 -0.19 -2.90
N ILE A 332 17.92 -1.18 -3.76
CA ILE A 332 17.70 -2.54 -3.31
C ILE A 332 18.99 -3.10 -2.74
N CYS A 333 20.10 -2.91 -3.46
CA CYS A 333 21.44 -3.08 -2.89
C CYS A 333 21.65 -1.93 -1.92
N LYS A 334 22.36 -2.18 -0.83
CA LYS A 334 22.59 -1.12 0.15
C LYS A 334 24.05 -0.66 0.20
N GLU A 335 24.39 0.11 1.23
CA GLU A 335 25.79 0.46 1.51
C GLU A 335 26.37 -0.69 2.33
N GLU A 342 23.58 -7.51 -6.24
CA GLU A 342 24.82 -8.25 -6.45
C GLU A 342 25.73 -7.49 -7.40
N LEU A 343 27.03 -7.65 -7.21
CA LEU A 343 28.05 -7.02 -8.07
C LEU A 343 28.22 -7.92 -9.32
N SER A 344 27.09 -8.22 -9.95
CA SER A 344 27.02 -9.29 -10.93
C SER A 344 25.99 -8.98 -12.03
N LEU A 345 24.80 -8.54 -11.62
CA LEU A 345 23.78 -8.07 -12.55
C LEU A 345 24.04 -6.60 -12.92
N HIS A 346 24.60 -5.86 -11.99
CA HIS A 346 24.97 -4.47 -12.23
C HIS A 346 26.23 -4.40 -13.10
N ALA A 347 26.85 -5.55 -13.34
CA ALA A 347 28.05 -5.62 -14.19
C ALA A 347 27.73 -5.98 -15.66
N LEU A 348 26.50 -6.43 -15.90
CA LEU A 348 26.02 -6.73 -17.24
C LEU A 348 26.07 -5.50 -18.13
N PRO A 349 26.34 -5.69 -19.43
CA PRO A 349 26.17 -4.64 -20.43
C PRO A 349 24.73 -4.08 -20.43
N LEU A 350 24.57 -2.79 -20.74
CA LEU A 350 23.25 -2.15 -20.70
C LEU A 350 22.28 -2.82 -21.68
N ASP A 351 22.80 -3.21 -22.83
CA ASP A 351 22.11 -4.04 -23.81
C ASP A 351 21.36 -5.20 -23.15
N GLU A 352 22.11 -5.96 -22.37
CA GLU A 352 21.67 -7.18 -21.70
C GLU A 352 20.64 -6.85 -20.61
N SER A 353 20.90 -5.76 -19.88
CA SER A 353 19.96 -5.28 -18.88
C SER A 353 18.57 -4.97 -19.45
N LEU A 354 18.54 -4.43 -20.66
CA LEU A 354 17.27 -4.10 -21.31
C LEU A 354 16.51 -5.36 -21.75
N LYS A 355 17.20 -6.24 -22.46
CA LYS A 355 16.67 -7.55 -22.82
C LYS A 355 15.95 -8.18 -21.61
N ILE A 356 16.64 -8.23 -20.46
CA ILE A 356 16.10 -8.86 -19.27
C ILE A 356 14.82 -8.18 -18.79
N VAL A 357 14.84 -6.86 -18.67
CA VAL A 357 13.66 -6.15 -18.20
C VAL A 357 12.54 -6.25 -19.22
N LYS A 358 12.88 -6.10 -20.51
CA LYS A 358 11.91 -6.29 -21.59
C LYS A 358 11.22 -7.64 -21.44
N GLU A 359 12.03 -8.69 -21.33
CA GLU A 359 11.50 -10.02 -21.19
C GLU A 359 10.65 -10.15 -19.93
N TYR A 360 11.03 -9.44 -18.88
CA TYR A 360 10.27 -9.52 -17.64
C TYR A 360 8.86 -9.02 -17.88
N LEU A 361 8.75 -7.90 -18.61
CA LEU A 361 7.45 -7.29 -18.91
C LEU A 361 6.57 -8.12 -19.87
N ILE A 362 7.20 -8.82 -20.81
CA ILE A 362 6.45 -9.75 -21.65
C ILE A 362 5.89 -10.87 -20.77
N ALA A 363 6.72 -11.38 -19.87
CA ALA A 363 6.31 -12.50 -19.02
C ALA A 363 5.08 -12.08 -18.21
N ALA A 364 5.15 -10.86 -17.71
CA ALA A 364 4.04 -10.27 -16.99
C ALA A 364 2.75 -10.28 -17.84
N THR A 365 2.85 -10.03 -19.14
CA THR A 365 1.67 -10.15 -20.01
C THR A 365 1.10 -11.57 -19.95
N ALA A 366 1.97 -12.56 -20.19
CA ALA A 366 1.55 -13.97 -20.20
C ALA A 366 1.02 -14.45 -18.86
N LYS A 367 1.52 -13.88 -17.76
CA LYS A 367 1.10 -14.25 -16.41
C LYS A 367 -0.32 -13.77 -16.08
N ASP A 368 -0.75 -12.72 -16.75
CA ASP A 368 -2.01 -12.06 -16.43
C ASP A 368 -3.03 -12.09 -17.58
N CYS A 369 -2.83 -12.96 -18.55
CA CYS A 369 -3.82 -13.03 -19.63
C CYS A 369 -4.77 -14.14 -19.26
N SER A 370 -5.77 -14.37 -20.08
CA SER A 370 -6.77 -15.41 -19.85
C SER A 370 -6.93 -16.26 -21.09
N ILE A 371 -7.60 -17.40 -20.95
CA ILE A 371 -7.78 -18.34 -22.04
C ILE A 371 -9.27 -18.58 -22.29
N MET A 372 -9.69 -18.49 -23.54
CA MET A 372 -11.05 -18.81 -23.88
C MET A 372 -11.10 -20.06 -24.72
N ILE A 373 -11.83 -21.04 -24.22
CA ILE A 373 -12.07 -22.29 -24.94
C ILE A 373 -13.55 -22.33 -25.32
N SER A 374 -13.82 -22.40 -26.63
CA SER A 374 -15.18 -22.41 -27.18
C SER A 374 -15.57 -23.82 -27.52
N PHE A 375 -16.78 -24.22 -27.18
CA PHE A 375 -17.26 -25.56 -27.52
C PHE A 375 -18.51 -25.55 -28.39
N GLN A 376 -18.55 -26.43 -29.38
CA GLN A 376 -19.79 -26.67 -30.08
C GLN A 376 -19.85 -28.14 -30.52
N SER A 377 -21.07 -28.70 -30.52
CA SER A 377 -21.28 -30.08 -30.93
C SER A 377 -20.74 -30.37 -32.34
N ARG A 378 -20.21 -31.59 -32.52
CA ARG A 378 -19.57 -31.98 -33.78
C ARG A 378 -20.57 -32.59 -34.77
N SER A 386 -11.83 -30.70 -39.41
CA SER A 386 -11.10 -30.38 -38.19
C SER A 386 -10.45 -31.59 -37.55
N GLY A 387 -9.27 -31.38 -36.96
CA GLY A 387 -8.66 -32.37 -36.09
C GLY A 387 -8.82 -32.00 -34.63
N ASP A 388 -9.58 -30.93 -34.37
CA ASP A 388 -9.69 -30.36 -33.01
C ASP A 388 -11.03 -30.58 -32.31
N TYR A 389 -11.07 -31.66 -31.51
CA TYR A 389 -12.30 -32.14 -30.91
C TYR A 389 -12.02 -32.97 -29.66
N VAL A 390 -13.03 -33.10 -28.81
CA VAL A 390 -12.94 -33.94 -27.61
C VAL A 390 -14.13 -34.88 -27.56
N SER A 391 -13.89 -36.12 -27.15
CA SER A 391 -14.91 -37.15 -27.04
C SER A 391 -15.36 -37.33 -25.59
N LEU A 392 -16.67 -37.37 -25.37
CA LEU A 392 -17.22 -37.71 -24.06
C LEU A 392 -17.49 -39.20 -23.90
N LYS A 393 -16.51 -39.91 -23.34
CA LYS A 393 -16.60 -41.34 -23.06
C LYS A 393 -17.98 -41.73 -22.53
N PRO A 394 -18.46 -41.06 -21.44
CA PRO A 394 -19.75 -41.46 -20.87
C PRO A 394 -20.96 -41.28 -21.80
N THR A 395 -21.01 -40.17 -22.55
CA THR A 395 -22.19 -39.85 -23.39
C THR A 395 -22.10 -40.22 -24.89
N ASN A 396 -20.88 -40.31 -25.41
CA ASN A 396 -20.58 -40.62 -26.83
C ASN A 396 -20.68 -39.42 -27.79
N GLN A 397 -20.84 -38.23 -27.23
CA GLN A 397 -20.87 -36.99 -28.00
C GLN A 397 -19.45 -36.57 -28.40
N THR A 398 -19.33 -35.86 -29.52
CA THR A 398 -18.05 -35.27 -29.93
C THR A 398 -18.18 -33.74 -29.98
N PHE A 399 -17.31 -33.05 -29.25
CA PHE A 399 -17.33 -31.59 -29.24
C PHE A 399 -16.10 -31.01 -29.95
N ASP A 400 -16.35 -30.03 -30.80
CA ASP A 400 -15.30 -29.24 -31.46
C ASP A 400 -14.92 -28.14 -30.51
N TYR A 401 -13.64 -27.75 -30.53
CA TYR A 401 -13.18 -26.64 -29.70
C TYR A 401 -12.15 -25.75 -30.37
N LYS A 402 -12.17 -24.48 -29.98
CA LYS A 402 -11.13 -23.51 -30.34
C LYS A 402 -10.59 -22.87 -29.08
N VAL A 403 -9.31 -22.49 -29.10
CA VAL A 403 -8.68 -21.82 -27.97
C VAL A 403 -8.07 -20.51 -28.42
N HIS A 404 -8.36 -19.43 -27.69
CA HIS A 404 -7.81 -18.11 -27.99
C HIS A 404 -7.24 -17.44 -26.74
N PHE A 405 -6.07 -16.83 -26.83
CA PHE A 405 -5.54 -16.02 -25.74
C PHE A 405 -6.13 -14.62 -25.83
N ILE A 406 -6.76 -14.18 -24.75
CA ILE A 406 -7.31 -12.83 -24.67
C ILE A 406 -6.74 -12.04 -23.48
N ASP A 407 -7.20 -10.80 -23.32
CA ASP A 407 -6.78 -9.94 -22.19
C ASP A 407 -5.25 -9.87 -22.02
N LEU A 408 -4.59 -9.56 -23.14
CA LEU A 408 -3.12 -9.46 -23.23
C LEU A 408 -2.70 -8.00 -23.19
N SER A 409 -2.30 -7.52 -22.02
CA SER A 409 -1.91 -6.12 -21.90
C SER A 409 -0.39 -5.87 -21.89
N LEU A 410 0.01 -4.76 -22.50
CA LEU A 410 1.34 -4.23 -22.29
C LEU A 410 1.42 -3.78 -20.84
N LYS A 411 2.57 -4.00 -20.20
CA LYS A 411 2.75 -3.58 -18.82
C LYS A 411 3.67 -2.37 -18.73
N PRO A 412 3.22 -1.27 -18.07
CA PRO A 412 4.12 -0.13 -18.02
C PRO A 412 5.43 -0.48 -17.30
N LEU A 413 6.54 0.06 -17.80
CA LEU A 413 7.87 -0.13 -17.23
C LEU A 413 7.94 0.34 -15.78
N LYS A 414 7.27 1.44 -15.48
CA LYS A 414 7.24 2.00 -14.13
C LYS A 414 6.82 1.00 -13.07
N ARG A 415 6.02 0.01 -13.45
CA ARG A 415 5.52 -1.01 -12.51
C ARG A 415 6.62 -1.93 -11.94
N MET A 416 7.82 -1.94 -12.54
CA MET A 416 8.94 -2.72 -12.01
C MET A 416 9.17 -2.42 -10.52
N GLU A 417 9.05 -1.14 -10.13
CA GLU A 417 9.19 -0.71 -8.73
C GLU A 417 8.04 -1.27 -7.93
N SER A 418 6.84 -1.20 -8.50
CA SER A 418 5.67 -1.68 -7.77
C SER A 418 5.63 -3.21 -7.67
N TYR A 419 6.19 -3.92 -8.66
CA TYR A 419 6.26 -5.38 -8.62
C TYR A 419 7.09 -5.84 -7.44
N TYR A 420 8.28 -5.27 -7.33
CA TYR A 420 9.17 -5.53 -6.19
C TYR A 420 8.53 -5.26 -4.82
N LYS A 421 7.89 -4.11 -4.65
CA LYS A 421 7.19 -3.81 -3.40
C LYS A 421 6.13 -4.84 -3.04
N LEU A 422 5.33 -5.22 -4.02
CA LEU A 422 4.21 -6.14 -3.82
C LEU A 422 4.71 -7.54 -3.53
N ASP A 423 5.70 -7.97 -4.30
CA ASP A 423 6.31 -9.25 -4.05
C ASP A 423 6.80 -9.32 -2.62
N LYS A 424 7.49 -8.26 -2.18
CA LYS A 424 8.04 -8.18 -0.83
C LYS A 424 6.93 -8.28 0.22
N LYS A 425 5.79 -7.65 -0.06
CA LYS A 425 4.69 -7.66 0.88
C LYS A 425 4.09 -9.06 0.94
N ILE A 426 4.05 -9.74 -0.21
CA ILE A 426 3.54 -11.12 -0.30
C ILE A 426 4.37 -12.04 0.59
N ILE A 427 5.68 -12.06 0.32
CA ILE A 427 6.59 -12.97 1.01
C ILE A 427 6.75 -12.66 2.50
N SER A 428 6.77 -11.39 2.88
CA SER A 428 6.92 -11.05 4.29
C SER A 428 5.70 -11.49 5.11
N PHE A 429 4.52 -11.35 4.51
CA PHE A 429 3.28 -11.79 5.16
C PHE A 429 3.14 -13.31 5.25
N TYR A 430 3.64 -14.04 4.26
CA TYR A 430 3.58 -15.49 4.27
C TYR A 430 4.54 -16.03 5.32
N ASN A 431 5.75 -15.47 5.34
CA ASN A 431 6.75 -15.85 6.34
C ASN A 431 6.25 -15.59 7.74
N ARG A 432 5.49 -14.51 7.91
CA ARG A 432 4.89 -14.14 9.18
C ARG A 432 3.77 -15.10 9.60
N LYS A 433 3.04 -15.65 8.61
CA LYS A 433 2.00 -16.63 8.90
C LYS A 433 2.60 -17.95 9.32
N GLN A 434 3.76 -18.28 8.75
CA GLN A 434 4.42 -19.55 9.06
C GLN A 434 5.29 -19.41 10.32
N LYS A 435 5.67 -18.17 10.63
CA LYS A 435 6.36 -17.83 11.89
C LYS A 435 5.45 -18.15 13.08
N ALA A 436 4.15 -17.89 12.92
CA ALA A 436 3.11 -18.43 13.81
C ALA A 436 2.84 -19.90 13.43
N GLU A 437 3.69 -20.78 13.95
CA GLU A 437 3.76 -22.19 13.54
C GLU A 437 2.43 -22.94 13.75
N GLU B 2 8.85 4.87 46.57
CA GLU B 2 10.15 5.56 46.82
C GLU B 2 9.87 7.02 47.19
N MET B 3 10.21 7.95 46.28
CA MET B 3 10.07 9.39 46.53
C MET B 3 9.05 10.12 45.64
N ILE B 4 8.36 11.07 46.26
CA ILE B 4 7.42 11.95 45.60
C ILE B 4 8.17 13.22 45.25
N LEU B 5 7.97 13.71 44.03
CA LEU B 5 8.49 15.02 43.67
C LEU B 5 7.61 16.11 44.27
N GLU B 6 8.26 17.02 44.99
CA GLU B 6 7.58 18.07 45.73
C GLU B 6 7.76 19.46 45.13
N GLU B 7 7.07 20.44 45.71
CA GLU B 7 7.07 21.82 45.23
C GLU B 7 8.49 22.37 45.01
N LYS B 8 9.42 21.99 45.88
CA LYS B 8 10.81 22.47 45.84
C LYS B 8 11.57 21.91 44.66
N ASP B 9 11.16 20.72 44.21
CA ASP B 9 11.80 20.03 43.09
C ASP B 9 11.51 20.69 41.75
N ALA B 10 10.42 21.43 41.69
CA ALA B 10 9.94 22.01 40.46
C ALA B 10 10.93 22.97 39.80
N SER B 11 11.75 23.64 40.61
CA SER B 11 12.73 24.57 40.06
C SER B 11 13.98 23.87 39.50
N ASP B 12 14.05 22.54 39.60
CA ASP B 12 15.14 21.75 39.01
C ASP B 12 14.89 21.22 37.59
N TRP B 13 13.70 21.53 37.07
CA TRP B 13 13.28 21.09 35.75
C TRP B 13 12.96 22.29 34.90
N ILE B 14 13.60 22.40 33.74
CA ILE B 14 13.34 23.49 32.80
C ILE B 14 12.63 23.03 31.51
N TYR B 15 11.82 23.92 30.94
CA TYR B 15 11.01 23.64 29.77
C TYR B 15 11.85 23.12 28.60
N ARG B 16 11.35 22.07 27.97
CA ARG B 16 11.99 21.52 26.80
C ARG B 16 11.11 21.62 25.57
N GLY B 17 9.81 21.39 25.75
CA GLY B 17 8.84 21.53 24.65
C GLY B 17 7.58 20.72 24.95
N GLU B 18 6.66 20.66 23.99
CA GLU B 18 5.47 19.84 24.16
C GLU B 18 4.87 19.25 22.88
N GLY B 19 4.18 18.13 23.01
CA GLY B 19 3.35 17.61 21.94
C GLY B 19 1.87 17.95 22.17
N GLY B 20 0.98 17.19 21.55
CA GLY B 20 -0.45 17.33 21.80
C GLY B 20 -0.81 16.86 23.19
N ALA B 21 -0.26 15.71 23.61
CA ALA B 21 -0.61 15.11 24.91
C ALA B 21 0.28 15.49 26.09
N ASN B 22 1.56 15.76 25.83
CA ASN B 22 2.52 15.94 26.92
C ASN B 22 3.39 17.15 26.85
N LEU B 23 3.84 17.53 28.03
CA LEU B 23 4.71 18.65 28.24
C LEU B 23 6.00 18.00 28.72
N VAL B 24 7.11 18.34 28.10
CA VAL B 24 8.41 17.72 28.42
C VAL B 24 9.38 18.72 29.06
N LEU B 25 9.90 18.36 30.21
CA LEU B 25 10.90 19.17 30.87
C LEU B 25 12.19 18.38 31.07
N ALA B 26 13.31 19.10 31.07
CA ALA B 26 14.65 18.51 31.26
C ALA B 26 15.24 18.85 32.62
N TYR B 27 16.00 17.92 33.19
CA TYR B 27 16.65 18.15 34.46
C TYR B 27 17.83 19.09 34.34
N ALA B 28 17.89 20.05 35.25
CA ALA B 28 19.01 20.99 35.31
C ALA B 28 19.56 21.10 36.73
N GLY B 29 19.18 20.13 37.57
CA GLY B 29 19.69 20.04 38.95
C GLY B 29 20.89 19.11 39.02
N SER B 30 21.27 18.71 40.23
CA SER B 30 22.45 17.83 40.38
C SER B 30 22.22 16.37 40.84
N SER B 31 20.99 16.06 41.30
CA SER B 31 20.62 14.71 41.73
C SER B 31 21.01 13.64 40.72
N PRO B 32 21.78 12.64 41.16
CA PRO B 32 22.22 11.53 40.31
C PRO B 32 21.08 10.67 39.77
N LEU B 33 19.89 10.73 40.37
CA LEU B 33 18.73 10.00 39.85
C LEU B 33 18.17 10.66 38.59
N PHE B 34 18.36 11.98 38.48
CA PHE B 34 17.69 12.75 37.44
C PHE B 34 18.61 13.33 36.36
N VAL B 35 19.91 13.39 36.63
CA VAL B 35 20.93 13.81 35.66
C VAL B 35 20.76 13.05 34.33
N GLY B 36 20.65 13.78 33.23
CA GLY B 36 20.43 13.19 31.91
C GLY B 36 19.05 12.61 31.66
N LYS B 37 18.05 13.11 32.36
CA LYS B 37 16.67 12.62 32.24
C LYS B 37 15.69 13.73 31.84
N VAL B 38 14.55 13.33 31.28
CA VAL B 38 13.46 14.26 30.99
C VAL B 38 12.21 13.79 31.70
N ILE B 39 11.33 14.74 31.97
CA ILE B 39 10.08 14.44 32.65
C ILE B 39 8.91 14.70 31.68
N ARG B 40 8.10 13.68 31.43
CA ARG B 40 6.94 13.83 30.56
C ARG B 40 5.72 13.98 31.42
N ILE B 41 4.93 15.01 31.16
CA ILE B 41 3.76 15.29 31.99
C ILE B 41 2.50 15.41 31.16
N GLN B 42 1.49 14.64 31.52
CA GLN B 42 0.22 14.61 30.78
C GLN B 42 -0.58 15.91 30.92
N LYS B 43 -1.16 16.36 29.81
CA LYS B 43 -1.94 17.58 29.84
C LYS B 43 -3.42 17.29 29.99
N ALA B 44 -4.14 18.17 30.68
CA ALA B 44 -5.59 18.08 30.74
C ALA B 44 -6.19 18.88 29.59
N ARG B 45 -6.72 18.16 28.60
CA ARG B 45 -7.30 18.79 27.40
C ARG B 45 -8.68 19.38 27.70
N ARG B 46 -8.86 20.65 27.35
CA ARG B 46 -10.11 21.36 27.60
C ARG B 46 -11.26 21.00 26.63
N ASN B 47 -10.99 20.12 25.68
CA ASN B 47 -12.02 19.61 24.76
C ASN B 47 -12.80 18.45 25.38
N ASP B 48 -12.08 17.35 25.66
CA ASP B 48 -12.68 16.09 26.14
C ASP B 48 -12.68 15.93 27.66
N LYS B 49 -13.17 16.97 28.35
CA LYS B 49 -13.44 16.90 29.78
C LYS B 49 -14.35 15.69 30.06
N ALA B 50 -13.74 14.58 30.48
CA ALA B 50 -14.45 13.34 30.82
C ALA B 50 -15.20 13.42 32.18
N ILE B 51 -15.92 12.35 32.52
CA ILE B 51 -16.68 12.30 33.77
C ILE B 51 -16.09 11.22 34.68
N LYS B 52 -15.59 11.62 35.85
CA LYS B 52 -14.91 10.71 36.79
C LYS B 52 -15.77 10.34 37.99
N VAL B 58 -10.77 10.41 36.92
CA VAL B 58 -11.04 9.95 35.56
C VAL B 58 -10.53 8.52 35.35
N SER B 59 -11.39 7.67 34.81
CA SER B 59 -11.11 6.24 34.60
C SER B 59 -10.10 6.06 33.48
N VAL B 60 -9.21 5.08 33.61
CA VAL B 60 -8.07 5.02 32.70
C VAL B 60 -8.44 4.59 31.29
N LEU B 61 -9.48 3.76 31.16
CA LEU B 61 -9.99 3.30 29.87
C LEU B 61 -11.52 3.27 29.92
N THR B 62 -12.16 3.33 28.75
CA THR B 62 -13.61 3.20 28.63
C THR B 62 -14.00 1.73 28.58
N SER B 63 -15.29 1.44 28.69
CA SER B 63 -15.81 0.07 28.54
C SER B 63 -15.31 -0.55 27.23
N ASP B 64 -15.58 0.18 26.14
CA ASP B 64 -15.26 -0.25 24.78
C ASP B 64 -13.79 -0.49 24.61
N GLU B 65 -12.99 0.36 25.26
CA GLU B 65 -11.54 0.19 25.28
C GLU B 65 -11.10 -1.07 26.02
N GLN B 66 -11.71 -1.34 27.17
CA GLN B 66 -11.41 -2.53 27.96
C GLN B 66 -11.61 -3.78 27.11
N HIS B 67 -12.70 -3.78 26.36
CA HIS B 67 -13.04 -4.84 25.43
C HIS B 67 -11.96 -5.00 24.33
N LEU B 68 -11.50 -3.87 23.78
CA LEU B 68 -10.51 -3.86 22.69
C LEU B 68 -9.13 -4.40 23.10
N TRP B 69 -8.64 -3.97 24.26
CA TRP B 69 -7.31 -4.35 24.72
C TRP B 69 -7.31 -5.58 25.63
N ARG B 70 -8.48 -6.22 25.75
CA ARG B 70 -8.68 -7.42 26.56
C ARG B 70 -7.51 -8.40 26.50
N GLU B 71 -7.05 -8.69 25.28
CA GLU B 71 -5.90 -9.57 25.05
C GLU B 71 -4.66 -9.25 25.92
N ASN B 72 -4.50 -7.98 26.30
CA ASN B 72 -3.33 -7.53 27.04
C ASN B 72 -3.77 -7.02 28.41
N ASN B 73 -3.89 -7.94 29.37
CA ASN B 73 -4.54 -7.59 30.64
C ASN B 73 -3.81 -6.58 31.53
N GLU B 74 -2.48 -6.60 31.49
CA GLU B 74 -1.65 -5.63 32.20
C GLU B 74 -2.08 -4.19 31.88
N LEU B 75 -2.47 -3.97 30.63
CA LEU B 75 -3.01 -2.70 30.16
C LEU B 75 -4.30 -2.32 30.87
N ILE B 76 -5.34 -3.14 30.71
CA ILE B 76 -6.67 -2.82 31.26
C ILE B 76 -6.73 -2.71 32.79
N SER B 77 -5.69 -3.20 33.47
CA SER B 77 -5.58 -3.09 34.92
C SER B 77 -4.52 -2.07 35.39
N SER B 78 -4.27 -1.05 34.58
CA SER B 78 -3.38 0.04 34.98
C SER B 78 -4.03 0.97 36.00
N PRO B 79 -3.29 1.32 37.07
CA PRO B 79 -3.81 2.22 38.10
C PRO B 79 -4.11 3.61 37.59
N ASN B 80 -3.33 4.04 36.60
CA ASN B 80 -3.44 5.39 36.04
C ASN B 80 -2.85 5.47 34.63
N LYS B 81 -3.13 6.59 33.96
CA LYS B 81 -2.76 6.77 32.56
C LYS B 81 -1.26 6.76 32.28
N GLU B 82 -0.46 7.18 33.27
CA GLU B 82 1.00 7.10 33.17
C GLU B 82 1.47 5.66 32.96
N VAL B 83 1.09 4.76 33.86
CA VAL B 83 1.49 3.37 33.67
C VAL B 83 0.79 2.72 32.47
N LEU B 84 -0.42 3.20 32.13
CA LEU B 84 -1.08 2.78 30.89
C LEU B 84 -0.18 3.00 29.68
N GLU B 85 0.36 4.21 29.54
CA GLU B 85 1.26 4.59 28.45
C GLU B 85 2.57 3.78 28.48
N GLN B 86 3.16 3.67 29.67
CA GLN B 86 4.36 2.87 29.88
C GLN B 86 4.16 1.42 29.42
N ARG B 87 3.06 0.81 29.82
CA ARG B 87 2.79 -0.58 29.45
C ARG B 87 2.38 -0.75 27.98
N TYR B 88 1.69 0.25 27.42
CA TYR B 88 1.39 0.24 26.00
C TYR B 88 2.72 0.10 25.24
N VAL B 89 3.65 1.03 25.48
CA VAL B 89 4.94 1.01 24.79
C VAL B 89 5.69 -0.29 25.01
N GLN B 90 5.73 -0.75 26.26
CA GLN B 90 6.48 -1.95 26.65
C GLN B 90 5.93 -3.23 26.04
N ASN B 91 4.63 -3.45 26.18
CA ASN B 91 4.04 -4.73 25.77
C ASN B 91 3.50 -4.76 24.35
N VAL B 92 3.08 -3.62 23.81
CA VAL B 92 2.55 -3.61 22.44
C VAL B 92 3.55 -3.08 21.40
N ILE B 93 4.20 -1.95 21.68
CA ILE B 93 5.11 -1.34 20.70
C ILE B 93 6.49 -2.01 20.61
N ILE B 94 7.16 -2.21 21.74
CA ILE B 94 8.50 -2.82 21.74
C ILE B 94 8.58 -4.20 21.04
N PRO B 95 7.61 -5.12 21.26
CA PRO B 95 7.65 -6.38 20.55
C PRO B 95 7.63 -6.20 19.04
N LEU B 96 7.17 -5.04 18.57
CA LEU B 96 7.08 -4.78 17.13
C LEU B 96 8.27 -4.01 16.57
N LEU B 97 8.78 -3.06 17.34
CA LEU B 97 9.85 -2.18 16.89
C LEU B 97 11.21 -2.62 17.40
N GLY B 98 11.21 -3.31 18.54
CA GLY B 98 12.45 -3.76 19.14
C GLY B 98 12.93 -2.84 20.24
N PRO B 99 13.64 -3.40 21.23
CA PRO B 99 14.09 -2.68 22.43
C PRO B 99 15.29 -1.75 22.22
N LYS B 100 16.03 -1.94 21.14
CA LYS B 100 17.21 -1.12 20.86
C LYS B 100 16.89 0.32 20.53
N HIS B 101 15.74 0.56 19.95
CA HIS B 101 15.37 1.93 19.57
C HIS B 101 14.17 2.47 20.36
N VAL B 102 13.64 1.69 21.28
CA VAL B 102 12.47 2.11 22.04
C VAL B 102 12.71 2.02 23.54
N ASP B 103 12.36 3.09 24.26
CA ASP B 103 12.48 3.10 25.71
C ASP B 103 11.13 3.46 26.34
N ALA B 104 10.71 2.66 27.33
CA ALA B 104 9.34 2.73 27.87
C ALA B 104 9.11 3.81 28.94
N GLY B 105 10.16 4.18 29.65
CA GLY B 105 10.03 5.21 30.69
C GLY B 105 9.67 4.61 32.02
N VAL B 106 9.90 5.39 33.08
CA VAL B 106 9.70 4.92 34.46
C VAL B 106 8.79 5.86 35.25
N ARG B 107 7.79 5.28 35.92
CA ARG B 107 6.84 6.05 36.73
C ARG B 107 7.55 6.72 37.90
N VAL B 108 7.02 7.86 38.32
CA VAL B 108 7.44 8.53 39.55
C VAL B 108 6.24 9.30 40.09
N SER B 109 6.17 9.42 41.41
CA SER B 109 5.06 10.13 42.01
C SER B 109 5.36 11.62 42.00
N VAL B 110 4.32 12.42 41.87
CA VAL B 110 4.43 13.87 41.91
C VAL B 110 3.30 14.44 42.73
N SER B 111 3.57 15.54 43.42
CA SER B 111 2.56 16.23 44.21
C SER B 111 1.76 17.17 43.34
N LYS B 112 0.52 17.42 43.75
CA LYS B 112 -0.33 18.41 43.12
C LYS B 112 0.40 19.78 43.05
N GLU B 113 1.03 20.17 44.15
CA GLU B 113 1.77 21.43 44.23
C GLU B 113 2.96 21.48 43.26
N PHE B 114 3.67 20.36 43.08
CA PHE B 114 4.73 20.25 42.10
C PHE B 114 4.20 20.53 40.69
N LEU B 115 3.09 19.89 40.35
CA LEU B 115 2.46 20.08 39.05
C LEU B 115 1.96 21.51 38.88
N GLU B 116 1.20 22.00 39.87
CA GLU B 116 0.69 23.38 39.84
C GLU B 116 1.84 24.35 39.66
N CYS B 117 2.95 24.02 40.30
CA CYS B 117 4.14 24.84 40.25
C CYS B 117 4.76 24.86 38.86
N VAL B 118 5.03 23.66 38.35
CA VAL B 118 5.54 23.48 36.99
C VAL B 118 4.69 24.23 35.98
N ASP B 119 3.38 24.02 36.05
CA ASP B 119 2.40 24.63 35.15
C ASP B 119 2.56 26.13 35.10
N LYS B 120 2.75 26.74 36.26
CA LYS B 120 2.88 28.19 36.37
C LYS B 120 4.24 28.64 35.81
N LYS B 121 5.29 27.91 36.15
CA LYS B 121 6.67 28.23 35.75
C LYS B 121 6.85 28.32 34.21
N VAL B 122 6.22 27.40 33.47
CA VAL B 122 6.48 27.29 32.03
C VAL B 122 5.44 27.97 31.14
N THR B 123 4.39 28.53 31.76
CA THR B 123 3.33 29.27 31.07
C THR B 123 3.87 30.31 30.04
N LYS B 124 4.89 31.05 30.44
CA LYS B 124 5.45 32.15 29.65
C LYS B 124 6.36 31.66 28.52
N GLN B 125 6.59 30.34 28.47
CA GLN B 125 7.43 29.72 27.43
C GLN B 125 6.60 28.93 26.45
N ARG B 126 5.34 28.72 26.81
CA ARG B 126 4.40 27.93 26.00
C ARG B 126 3.73 28.83 24.97
N PRO B 127 3.48 28.30 23.76
CA PRO B 127 2.70 29.08 22.82
C PRO B 127 1.32 29.34 23.40
N LEU B 128 0.81 30.53 23.15
CA LEU B 128 -0.53 30.92 23.57
C LEU B 128 -1.62 29.92 23.21
N TRP B 129 -1.67 29.47 21.96
CA TRP B 129 -2.73 28.53 21.55
C TRP B 129 -2.63 27.20 22.28
N ARG B 130 -1.42 26.81 22.69
CA ARG B 130 -1.23 25.58 23.45
C ARG B 130 -1.78 25.74 24.84
N VAL B 131 -1.45 26.89 25.46
CA VAL B 131 -2.04 27.30 26.73
C VAL B 131 -3.57 27.28 26.67
N ASN B 132 -4.13 27.87 25.63
CA ASN B 132 -5.58 27.92 25.50
C ASN B 132 -6.25 26.55 25.30
N ALA B 133 -5.52 25.62 24.70
CA ALA B 133 -6.04 24.27 24.44
C ALA B 133 -6.07 23.42 25.70
N ALA B 134 -4.97 23.46 26.45
CA ALA B 134 -4.74 22.54 27.56
C ALA B 134 -3.72 23.09 28.55
N ASN B 135 -3.91 22.74 29.82
CA ASN B 135 -2.88 22.95 30.84
C ASN B 135 -2.47 21.61 31.42
N VAL B 136 -1.46 21.62 32.30
CA VAL B 136 -1.04 20.45 33.05
C VAL B 136 -2.22 19.87 33.81
N ASP B 137 -2.34 18.54 33.83
CA ASP B 137 -3.37 17.90 34.65
C ASP B 137 -2.91 17.77 36.11
N THR B 138 -3.39 18.67 36.95
CA THR B 138 -2.90 18.73 38.32
C THR B 138 -3.54 17.67 39.23
N SER B 139 -4.40 16.84 38.64
CA SER B 139 -5.07 15.78 39.39
C SER B 139 -4.30 14.45 39.37
N HIS B 140 -3.34 14.33 38.48
CA HIS B 140 -2.52 13.12 38.39
C HIS B 140 -1.53 13.09 39.55
N ASP B 141 -1.18 11.89 40.02
CA ASP B 141 -0.24 11.75 41.12
C ASP B 141 1.09 11.22 40.59
N SER B 142 1.13 10.97 39.29
CA SER B 142 2.28 10.33 38.67
C SER B 142 2.79 11.05 37.43
N ALA B 143 4.00 10.70 37.02
CA ALA B 143 4.61 11.24 35.81
C ALA B 143 5.59 10.21 35.26
N LEU B 144 6.13 10.47 34.07
CA LEU B 144 7.09 9.56 33.47
C LEU B 144 8.46 10.17 33.28
N ILE B 145 9.47 9.38 33.63
CA ILE B 145 10.88 9.72 33.50
C ILE B 145 11.53 8.91 32.36
N LEU B 146 12.09 9.61 31.38
CA LEU B 146 12.77 8.96 30.26
C LEU B 146 14.19 9.47 30.13
N ASN B 147 15.07 8.64 29.57
CA ASN B 147 16.39 9.08 29.13
C ASN B 147 16.25 10.26 28.18
N ASP B 148 17.06 11.29 28.41
CA ASP B 148 17.15 12.42 27.50
C ASP B 148 18.08 12.05 26.33
N HIS B 149 17.50 11.71 25.18
CA HIS B 149 18.29 11.28 24.04
C HIS B 149 18.94 12.40 23.22
N SER B 150 18.90 13.63 23.73
CA SER B 150 19.64 14.73 23.15
C SER B 150 21.02 14.80 23.80
N LEU B 151 21.28 13.89 24.73
CA LEU B 151 22.67 13.57 25.09
C LEU B 151 23.03 12.13 24.64
N PHE B 152 24.30 11.93 24.27
CA PHE B 152 24.74 10.65 23.75
C PHE B 152 24.87 9.61 24.85
N SER B 153 25.62 9.95 25.92
CA SER B 153 25.78 9.04 27.06
C SER B 153 24.65 9.25 28.08
N ASP B 161 30.41 18.40 22.62
CA ASP B 161 29.27 18.81 21.82
C ASP B 161 28.49 17.62 21.24
N CYS B 162 27.37 17.27 21.88
CA CYS B 162 26.40 16.34 21.33
C CYS B 162 25.29 17.06 20.53
N ILE B 163 25.27 16.85 19.22
CA ILE B 163 24.25 17.43 18.37
C ILE B 163 23.20 16.37 18.19
N SER B 164 21.93 16.73 18.29
CA SER B 164 20.88 15.76 18.07
C SER B 164 19.71 16.37 17.32
N VAL B 165 18.97 15.50 16.63
CA VAL B 165 18.00 15.90 15.63
C VAL B 165 16.71 15.13 15.80
N GLU B 166 15.62 15.87 15.98
CA GLU B 166 14.30 15.27 16.19
C GLU B 166 13.46 15.45 14.94
N ILE B 167 13.05 14.34 14.33
CA ILE B 167 12.18 14.38 13.16
C ILE B 167 10.83 13.74 13.48
N LYS B 168 9.74 14.42 13.13
CA LYS B 168 8.40 13.87 13.22
C LYS B 168 7.96 13.51 11.81
N PRO B 169 8.18 12.25 11.39
CA PRO B 169 8.07 11.93 9.97
C PRO B 169 6.65 11.90 9.44
N LYS B 170 5.67 11.64 10.32
CA LYS B 170 4.25 11.48 9.90
C LYS B 170 4.11 10.29 8.92
N CYS B 171 3.05 10.23 8.14
CA CYS B 171 2.77 8.99 7.40
C CYS B 171 3.44 8.89 6.04
N GLY B 172 4.11 7.78 5.76
CA GLY B 172 4.93 7.69 4.56
C GLY B 172 4.51 6.74 3.45
N PHE B 173 3.21 6.54 3.27
CA PHE B 173 2.71 5.69 2.16
C PHE B 173 1.33 6.12 1.72
N LEU B 174 0.94 5.71 0.52
CA LEU B 174 -0.38 6.05 0.02
C LEU B 174 -1.35 4.88 0.27
N PRO B 175 -2.61 5.18 0.67
CA PRO B 175 -3.65 4.15 0.77
C PRO B 175 -3.96 3.53 -0.58
N THR B 176 -4.42 2.27 -0.53
CA THR B 176 -4.62 1.41 -1.67
C THR B 176 -6.04 0.90 -1.65
N SER B 177 -6.62 0.90 -0.44
CA SER B 177 -7.92 0.30 -0.12
C SER B 177 -9.04 0.40 -1.18
N ARG B 178 -9.80 -0.69 -1.24
CA ARG B 178 -11.00 -0.83 -2.05
C ARG B 178 -12.12 0.09 -1.53
N PHE B 179 -11.95 0.57 -0.30
CA PHE B 179 -13.00 1.29 0.42
C PHE B 179 -13.00 2.80 0.25
N ILE B 180 -12.12 3.29 -0.62
CA ILE B 180 -12.02 4.72 -0.83
C ILE B 180 -13.05 5.13 -1.89
N GLY B 181 -13.89 6.09 -1.53
CA GLY B 181 -14.99 6.53 -2.38
C GLY B 181 -14.56 6.98 -3.75
N LYS B 182 -15.45 6.78 -4.71
CA LYS B 182 -15.31 7.25 -6.07
C LYS B 182 -14.75 8.69 -6.09
N GLU B 183 -15.40 9.57 -5.33
CA GLU B 183 -15.10 10.99 -5.32
C GLU B 183 -13.79 11.33 -4.61
N ASN B 184 -13.28 10.37 -3.85
CA ASN B 184 -12.13 10.57 -2.97
C ASN B 184 -10.83 10.00 -3.48
N MET B 185 -10.74 9.70 -4.78
CA MET B 185 -9.61 8.90 -5.25
C MET B 185 -8.26 9.62 -5.30
N LEU B 186 -8.27 10.91 -5.01
CA LEU B 186 -7.05 11.68 -5.00
C LEU B 186 -6.13 11.34 -3.80
N LYS B 187 -6.71 10.73 -2.77
CA LYS B 187 -5.89 10.22 -1.68
C LYS B 187 -5.10 8.98 -2.08
N THR B 188 -5.22 8.58 -3.34
CA THR B 188 -4.39 7.49 -3.86
C THR B 188 -3.05 7.99 -4.44
N SER B 189 -3.04 9.22 -4.95
CA SER B 189 -1.85 9.80 -5.59
C SER B 189 -1.13 10.76 -4.66
N VAL B 190 -1.90 11.51 -3.87
CA VAL B 190 -1.36 12.61 -3.06
C VAL B 190 -1.35 12.23 -1.57
N SER B 191 -0.22 12.46 -0.90
CA SER B 191 -0.04 12.06 0.50
C SER B 191 -0.92 12.87 1.46
N ARG B 192 -1.28 12.23 2.58
CA ARG B 192 -2.08 12.86 3.63
C ARG B 192 -1.43 14.16 4.13
N PHE B 193 -0.14 14.10 4.41
CA PHE B 193 0.60 15.25 4.90
C PHE B 193 0.45 16.43 3.95
N LYS B 194 0.52 16.17 2.65
CA LYS B 194 0.47 17.24 1.67
C LYS B 194 -0.92 17.89 1.62
N MET B 195 -1.96 17.06 1.75
CA MET B 195 -3.33 17.55 1.71
C MET B 195 -3.67 18.36 2.97
N HIS B 196 -3.29 17.83 4.12
CA HIS B 196 -3.48 18.50 5.41
C HIS B 196 -2.83 19.91 5.41
N GLN B 197 -1.65 20.03 4.79
CA GLN B 197 -0.95 21.29 4.68
C GLN B 197 -1.88 22.37 4.17
N LEU B 198 -2.67 22.02 3.15
CA LEU B 198 -3.58 22.96 2.52
C LEU B 198 -4.65 23.47 3.48
N LEU B 199 -5.18 22.54 4.26
CA LEU B 199 -6.23 22.84 5.22
C LEU B 199 -5.67 23.72 6.32
N LYS B 200 -4.49 23.35 6.80
CA LYS B 200 -3.81 24.06 7.89
C LYS B 200 -3.53 25.50 7.50
N LEU B 201 -3.15 25.70 6.24
CA LEU B 201 -2.86 27.03 5.75
C LEU B 201 -4.13 27.87 5.74
N GLU B 202 -5.23 27.29 5.24
CA GLU B 202 -6.53 27.95 5.23
C GLU B 202 -7.00 28.31 6.65
N TYR B 203 -6.60 27.49 7.62
CA TYR B 203 -6.97 27.70 9.01
C TYR B 203 -5.97 28.52 9.83
N ILE B 204 -5.09 29.25 9.12
CA ILE B 204 -4.03 30.08 9.74
C ILE B 204 -3.26 29.30 10.81
N GLU B 205 -3.07 28.01 10.57
CA GLU B 205 -2.32 27.16 11.49
C GLU B 205 -0.85 27.11 11.16
N ILE B 206 -0.51 27.44 9.92
CA ILE B 206 0.87 27.54 9.46
C ILE B 206 0.99 28.75 8.54
N SER B 207 2.19 29.29 8.42
CA SER B 207 2.41 30.50 7.61
C SER B 207 2.50 30.18 6.11
N GLU B 208 3.17 29.08 5.79
CA GLU B 208 3.41 28.69 4.40
C GLU B 208 3.32 27.18 4.33
N GLU B 209 3.02 26.65 3.15
CA GLU B 209 3.04 25.19 2.94
C GLU B 209 4.46 24.64 3.18
N SER B 210 4.57 23.48 3.82
CA SER B 210 5.85 22.83 4.01
C SER B 210 6.41 22.32 2.69
N GLU B 211 7.74 22.32 2.57
CA GLU B 211 8.40 21.66 1.44
C GLU B 211 8.71 20.18 1.67
N TYR B 212 8.31 19.65 2.83
CA TYR B 212 8.55 18.26 3.17
C TYR B 212 7.52 17.31 2.54
N ASP B 213 8.01 16.19 2.01
CA ASP B 213 7.14 15.11 1.55
C ASP B 213 7.60 13.74 2.08
N PRO B 214 6.85 13.18 3.04
CA PRO B 214 7.25 11.95 3.74
C PRO B 214 7.52 10.76 2.81
N LEU B 215 6.89 10.76 1.63
CA LEU B 215 7.10 9.71 0.67
C LEU B 215 8.57 9.68 0.24
N ASP B 216 9.25 10.83 0.32
CA ASP B 216 10.68 10.88 0.06
C ASP B 216 11.41 10.24 1.22
N LEU B 217 11.10 10.68 2.44
CA LEU B 217 11.81 10.17 3.61
C LEU B 217 11.72 8.65 3.73
N PHE B 218 10.54 8.11 3.51
CA PHE B 218 10.30 6.68 3.68
C PHE B 218 10.59 5.83 2.44
N SER B 219 10.98 6.50 1.35
CA SER B 219 11.10 5.88 0.01
C SER B 219 12.19 4.83 -0.15
N GLY B 220 13.20 4.87 0.70
CA GLY B 220 14.28 3.90 0.59
C GLY B 220 15.33 4.34 -0.42
N SER B 221 15.06 5.41 -1.15
CA SER B 221 16.04 6.03 -2.04
C SER B 221 16.91 7.02 -1.26
N LYS B 222 18.23 6.87 -1.39
CA LYS B 222 19.17 7.68 -0.61
C LYS B 222 19.10 9.17 -0.96
N GLU B 223 18.99 9.45 -2.25
CA GLU B 223 18.85 10.81 -2.78
C GLU B 223 17.60 11.46 -2.26
N ARG B 224 16.50 10.71 -2.28
CA ARG B 224 15.21 11.21 -1.81
C ARG B 224 15.22 11.43 -0.30
N VAL B 225 15.94 10.59 0.42
CA VAL B 225 16.15 10.79 1.85
C VAL B 225 16.78 12.17 2.10
N LEU B 226 17.89 12.45 1.41
CA LEU B 226 18.59 13.75 1.44
C LEU B 226 17.69 14.92 1.07
N GLU B 227 16.85 14.71 0.06
CA GLU B 227 15.88 15.71 -0.40
C GLU B 227 14.89 16.05 0.72
N ALA B 228 14.46 15.03 1.47
CA ALA B 228 13.57 15.18 2.62
C ALA B 228 14.20 15.97 3.78
N ILE B 229 15.48 15.71 4.04
CA ILE B 229 16.20 16.41 5.10
C ILE B 229 16.42 17.88 4.75
N LYS B 230 16.83 18.13 3.50
CA LYS B 230 16.95 19.50 3.01
C LYS B 230 15.62 20.26 3.19
N ALA B 231 14.52 19.62 2.82
CA ALA B 231 13.18 20.21 2.97
C ALA B 231 12.83 20.49 4.44
N LEU B 232 13.10 19.52 5.29
CA LEU B 232 12.82 19.65 6.71
C LEU B 232 13.57 20.85 7.31
N TYR B 233 14.81 21.04 6.87
CA TYR B 233 15.60 22.15 7.32
C TYR B 233 14.96 23.45 6.84
N SER B 234 14.47 23.47 5.60
CA SER B 234 13.84 24.65 4.99
C SER B 234 12.63 25.13 5.77
N THR B 235 11.69 24.21 5.95
CA THR B 235 10.41 24.53 6.56
C THR B 235 10.20 23.48 7.65
N PRO B 236 10.79 23.71 8.82
CA PRO B 236 10.65 22.78 9.93
C PRO B 236 9.21 22.55 10.44
N GLN B 237 8.35 23.58 10.46
CA GLN B 237 7.08 23.53 11.17
C GLN B 237 7.26 22.78 12.49
N ASN B 238 6.56 21.66 12.65
CA ASN B 238 6.66 20.89 13.87
C ASN B 238 7.28 19.50 13.63
N ASN B 239 8.05 19.41 12.55
CA ASN B 239 8.59 18.13 12.04
C ASN B 239 10.12 17.97 12.20
N PHE B 240 10.81 19.10 12.40
CA PHE B 240 12.25 19.10 12.51
C PHE B 240 12.75 19.96 13.71
N ARG B 241 13.65 19.39 14.51
CA ARG B 241 14.30 20.08 15.62
C ARG B 241 15.76 19.61 15.75
N VAL B 242 16.65 20.55 16.05
CA VAL B 242 18.06 20.25 16.30
C VAL B 242 18.47 20.81 17.65
N PHE B 243 19.23 20.02 18.41
CA PHE B 243 19.70 20.39 19.74
C PHE B 243 21.21 20.35 19.86
N LEU B 244 21.82 21.37 20.47
CA LEU B 244 23.22 21.29 20.87
C LEU B 244 23.29 21.12 22.37
N ASN B 245 23.77 19.97 22.84
CA ASN B 245 23.78 19.63 24.27
C ASN B 245 22.50 19.98 25.00
N GLY B 246 21.37 19.73 24.37
CA GLY B 246 20.08 19.94 25.03
C GLY B 246 19.37 21.25 24.71
N SER B 247 20.15 22.30 24.47
CA SER B 247 19.64 23.61 23.99
C SER B 247 19.21 23.52 22.52
N LEU B 248 17.94 23.78 22.27
CA LEU B 248 17.37 23.84 20.94
C LEU B 248 18.03 24.92 20.10
N ILE B 249 18.42 24.59 18.86
CA ILE B 249 19.17 25.53 18.03
C ILE B 249 18.64 25.64 16.61
N LEU B 250 17.54 24.91 16.35
CA LEU B 250 16.76 25.01 15.13
C LEU B 250 15.36 24.45 15.34
N GLY B 251 14.39 25.03 14.65
CA GLY B 251 13.02 24.58 14.77
C GLY B 251 12.39 25.11 16.03
N GLY B 252 11.11 24.82 16.17
CA GLY B 252 10.28 25.49 17.17
C GLY B 252 10.17 24.81 18.51
N SER B 253 9.63 25.57 19.45
CA SER B 253 9.53 25.19 20.85
C SER B 253 8.06 24.88 21.18
N GLY B 254 7.75 23.57 21.19
CA GLY B 254 6.38 23.11 21.49
C GLY B 254 5.30 23.52 20.49
N GLU B 255 5.73 23.97 19.31
CA GLU B 255 4.82 24.38 18.24
C GLU B 255 5.48 24.24 16.88
N SER B 256 4.73 24.64 15.86
CA SER B 256 5.23 24.73 14.49
C SER B 256 5.96 26.06 14.26
N THR B 257 7.07 26.02 13.52
CA THR B 257 7.88 27.21 13.25
C THR B 257 7.96 27.55 11.76
N GLY B 258 8.10 28.84 11.46
CA GLY B 258 8.12 29.33 10.07
C GLY B 258 9.35 28.89 9.27
N ARG B 259 9.37 29.29 8.00
CA ARG B 259 10.48 29.02 7.10
C ARG B 259 11.83 29.46 7.69
N THR B 260 12.89 28.75 7.32
CA THR B 260 14.24 29.10 7.76
C THR B 260 14.78 30.31 7.00
N SER B 261 14.96 31.40 7.73
CA SER B 261 15.47 32.65 7.16
C SER B 261 16.99 32.66 7.17
N PRO B 262 17.59 33.59 6.41
CA PRO B 262 19.03 33.87 6.47
C PRO B 262 19.48 34.09 7.90
N GLU B 263 18.68 34.81 8.71
CA GLU B 263 19.03 35.03 10.11
C GLU B 263 19.06 33.73 10.90
N ILE B 264 18.00 32.92 10.77
CA ILE B 264 17.98 31.60 11.40
C ILE B 264 19.14 30.75 10.88
N GLY B 265 19.35 30.79 9.56
CA GLY B 265 20.36 29.97 8.89
C GLY B 265 21.76 30.30 9.34
N TYR B 266 21.99 31.57 9.63
CA TYR B 266 23.28 32.08 10.11
C TYR B 266 23.58 31.65 11.57
N ALA B 267 22.57 31.75 12.43
CA ALA B 267 22.74 31.42 13.83
C ALA B 267 22.92 29.93 14.01
N PHE B 268 22.27 29.16 13.13
CA PHE B 268 22.41 27.73 13.13
C PHE B 268 23.80 27.39 12.64
N GLU B 269 24.20 27.99 11.52
CA GLU B 269 25.54 27.83 10.97
C GLU B 269 26.61 28.03 12.05
N ASP B 270 26.49 29.13 12.79
CA ASP B 270 27.43 29.48 13.85
C ASP B 270 27.43 28.41 14.93
N ALA B 271 26.24 27.92 15.29
CA ALA B 271 26.09 27.00 16.44
C ALA B 271 26.77 25.65 16.21
N LEU B 272 27.04 25.31 14.96
CA LEU B 272 27.77 24.09 14.62
C LEU B 272 29.29 24.25 14.68
N LYS B 273 29.80 25.38 15.15
CA LYS B 273 31.24 25.62 15.21
C LYS B 273 32.02 24.57 16.02
N GLY B 274 31.38 24.01 17.04
CA GLY B 274 32.09 23.11 17.94
C GLY B 274 31.86 21.64 17.65
N PHE B 275 31.35 21.33 16.47
CA PHE B 275 30.92 19.98 16.18
C PHE B 275 31.33 19.57 14.79
N ILE B 276 31.13 20.46 13.84
CA ILE B 276 31.51 20.24 12.44
C ILE B 276 32.74 21.07 12.11
N GLN B 277 33.79 20.37 11.65
CA GLN B 277 35.13 20.95 11.53
C GLN B 277 35.51 21.42 10.13
N SER B 278 34.72 22.36 9.63
CA SER B 278 35.14 23.18 8.52
C SER B 278 34.82 24.58 9.01
N GLU B 279 35.24 25.58 8.27
CA GLU B 279 34.92 26.95 8.67
C GLU B 279 33.93 27.49 7.66
N ASP B 280 34.31 28.52 6.92
CA ASP B 280 33.47 29.04 5.83
C ASP B 280 32.04 29.29 6.35
N GLY B 281 31.10 28.60 5.71
CA GLY B 281 29.68 28.58 6.04
C GLY B 281 29.19 27.35 5.31
N HIS B 282 29.98 26.28 5.40
CA HIS B 282 29.69 25.02 4.73
C HIS B 282 29.28 23.96 5.74
N ARG B 283 29.07 24.36 6.99
CA ARG B 283 28.76 23.41 8.06
C ARG B 283 27.35 22.86 7.97
N THR B 284 26.40 23.70 7.56
CA THR B 284 25.02 23.30 7.43
C THR B 284 24.84 22.15 6.42
N GLU B 285 25.37 22.30 5.20
CA GLU B 285 25.16 21.28 4.17
C GLU B 285 25.80 19.94 4.57
N CYS B 286 26.93 20.02 5.27
CA CYS B 286 27.55 18.85 5.88
C CYS B 286 26.64 18.14 6.88
N PHE B 287 26.08 18.92 7.80
CA PHE B 287 25.18 18.40 8.82
C PHE B 287 23.93 17.73 8.22
N LEU B 288 23.34 18.37 7.21
CA LEU B 288 22.18 17.81 6.54
C LEU B 288 22.52 16.46 5.91
N GLN B 289 23.69 16.40 5.28
CA GLN B 289 24.17 15.15 4.67
C GLN B 289 24.42 14.09 5.77
N LEU B 290 25.02 14.52 6.86
CA LEU B 290 25.22 13.69 8.04
C LEU B 290 23.93 13.04 8.50
N VAL B 291 22.90 13.86 8.71
CA VAL B 291 21.57 13.38 9.11
C VAL B 291 20.99 12.38 8.08
N SER B 292 21.05 12.75 6.80
CA SER B 292 20.61 11.85 5.73
C SER B 292 21.20 10.47 5.86
N ASP B 293 22.53 10.41 5.85
CA ASP B 293 23.25 9.15 5.90
C ASP B 293 22.92 8.32 7.11
N ALA B 294 22.60 8.98 8.22
CA ALA B 294 22.26 8.28 9.43
C ALA B 294 20.86 7.66 9.33
N VAL B 295 19.88 8.49 8.99
CA VAL B 295 18.53 8.04 8.71
C VAL B 295 18.56 6.87 7.74
N TYR B 296 19.14 7.10 6.57
CA TYR B 296 19.16 6.11 5.50
C TYR B 296 19.95 4.87 5.90
N GLY B 297 21.16 5.07 6.41
CA GLY B 297 22.03 3.96 6.80
C GLY B 297 21.46 3.04 7.86
N SER B 298 20.74 3.61 8.81
CA SER B 298 20.19 2.87 9.94
C SER B 298 18.94 2.07 9.56
N GLY B 299 18.38 2.35 8.38
CA GLY B 299 17.16 1.68 7.89
C GLY B 299 16.03 1.68 8.89
N VAL B 300 16.07 2.61 9.84
CA VAL B 300 15.12 2.62 10.96
C VAL B 300 13.74 3.12 10.53
N LEU B 301 13.69 3.66 9.31
CA LEU B 301 12.47 4.17 8.71
C LEU B 301 11.60 3.07 8.11
N ASP B 302 12.22 2.02 7.60
CA ASP B 302 11.47 0.92 7.01
C ASP B 302 10.62 0.20 8.04
N ARG B 303 11.15 0.07 9.25
CA ARG B 303 10.51 -0.72 10.27
C ARG B 303 9.35 0.03 10.86
N LEU B 304 9.47 1.36 10.92
CA LEU B 304 8.38 2.22 11.36
C LEU B 304 7.28 2.14 10.34
N LEU B 305 7.67 2.09 9.08
CA LEU B 305 6.73 2.09 7.97
C LEU B 305 5.86 0.85 8.00
N GLU B 306 6.42 -0.26 8.47
CA GLU B 306 5.68 -1.51 8.51
C GLU B 306 4.60 -1.46 9.57
N ILE B 307 4.89 -0.75 10.65
CA ILE B 307 3.91 -0.53 11.71
C ILE B 307 2.80 0.37 11.17
N GLN B 308 3.18 1.42 10.48
CA GLN B 308 2.20 2.35 9.92
C GLN B 308 1.25 1.64 8.97
N LYS B 309 1.78 0.69 8.20
CA LYS B 309 1.01 -0.02 7.19
C LYS B 309 0.00 -1.01 7.78
N LEU B 310 -0.08 -1.02 9.12
CA LEU B 310 -1.08 -1.80 9.83
C LEU B 310 -2.45 -1.17 9.69
N ASP B 311 -2.47 0.09 9.23
CA ASP B 311 -3.70 0.68 8.68
C ASP B 311 -3.93 0.10 7.28
N LYS B 312 -4.30 -1.18 7.26
CA LYS B 312 -4.55 -1.94 6.03
C LYS B 312 -5.71 -1.41 5.18
N LEU B 313 -6.72 -0.81 5.79
CA LEU B 313 -7.96 -0.48 5.08
C LEU B 313 -8.25 1.02 4.91
N ASP B 314 -7.45 1.87 5.55
CA ASP B 314 -7.72 3.31 5.62
C ASP B 314 -8.89 3.57 6.55
N ILE B 315 -8.91 4.76 7.14
CA ILE B 315 -10.01 5.15 8.01
C ILE B 315 -11.39 4.87 7.38
N GLU B 316 -11.49 5.01 6.06
CA GLU B 316 -12.75 4.80 5.32
C GLU B 316 -13.20 3.33 5.30
N GLY B 317 -12.27 2.42 5.50
CA GLY B 317 -12.62 1.02 5.72
C GLY B 317 -12.82 0.76 7.19
N ALA B 318 -11.76 1.02 7.97
CA ALA B 318 -11.69 0.68 9.40
C ALA B 318 -12.86 1.18 10.23
N ILE B 319 -13.44 2.30 9.82
CA ILE B 319 -14.56 2.90 10.55
C ILE B 319 -15.75 1.95 10.70
N HIS B 320 -16.03 1.19 9.65
CA HIS B 320 -17.13 0.24 9.65
C HIS B 320 -16.91 -0.77 10.76
N CYS B 321 -15.69 -1.32 10.87
CA CYS B 321 -15.36 -2.27 11.93
C CYS B 321 -15.52 -1.66 13.29
N TYR B 322 -15.21 -0.37 13.40
CA TYR B 322 -15.31 0.30 14.67
C TYR B 322 -16.75 0.20 15.21
N TYR B 323 -17.72 0.53 14.37
CA TYR B 323 -19.11 0.53 14.83
C TYR B 323 -19.62 -0.85 15.23
N ASP B 324 -19.03 -1.89 14.63
CA ASP B 324 -19.26 -3.27 15.02
C ASP B 324 -18.78 -3.49 16.45
N ILE B 325 -17.58 -2.98 16.73
CA ILE B 325 -16.89 -3.18 18.01
C ILE B 325 -17.71 -2.66 19.17
N ILE B 326 -18.19 -1.42 19.03
CA ILE B 326 -18.99 -0.75 20.06
C ILE B 326 -20.46 -1.18 20.02
N ASN B 327 -20.79 -2.05 19.06
CA ASN B 327 -22.13 -2.59 18.85
C ASN B 327 -23.20 -1.52 18.62
N GLN B 328 -22.88 -0.56 17.76
CA GLN B 328 -23.81 0.46 17.32
C GLN B 328 -24.08 0.26 15.81
N PRO B 329 -25.32 0.54 15.35
CA PRO B 329 -25.60 0.52 13.92
C PRO B 329 -24.75 1.55 13.17
N CYS B 330 -24.25 1.15 12.01
CA CYS B 330 -23.28 1.93 11.23
C CYS B 330 -23.95 3.11 10.54
N PRO B 331 -23.57 4.32 10.93
CA PRO B 331 -24.06 5.51 10.26
C PRO B 331 -23.57 5.57 8.83
N ILE B 332 -22.30 5.21 8.64
CA ILE B 332 -21.63 5.30 7.34
C ILE B 332 -22.35 4.48 6.26
N CYS B 333 -22.72 3.25 6.59
CA CYS B 333 -23.48 2.40 5.68
C CYS B 333 -24.86 2.97 5.40
N LYS B 334 -25.56 3.31 6.49
CA LYS B 334 -26.93 3.88 6.46
C LYS B 334 -27.07 5.04 5.46
N GLU B 335 -25.93 5.62 5.05
CA GLU B 335 -25.86 6.76 4.13
C GLU B 335 -26.45 6.49 2.73
N GLY B 336 -25.79 5.63 1.95
CA GLY B 336 -26.21 5.34 0.58
C GLY B 336 -26.70 3.90 0.38
N ARG B 337 -25.98 3.16 -0.46
CA ARG B 337 -26.17 1.70 -0.53
C ARG B 337 -24.82 0.96 -0.73
N PRO B 338 -24.35 0.28 0.35
CA PRO B 338 -22.99 -0.22 0.66
C PRO B 338 -22.23 -1.06 -0.40
N LEU B 339 -20.93 -1.25 -0.19
CA LEU B 339 -20.10 -2.15 -1.02
C LEU B 339 -20.33 -3.63 -0.64
N GLU B 340 -19.97 -4.53 -1.56
CA GLU B 340 -20.00 -5.99 -1.27
C GLU B 340 -18.92 -6.42 -0.25
N ALA B 341 -17.85 -5.64 -0.15
CA ALA B 341 -16.85 -5.84 0.90
C ALA B 341 -17.29 -5.16 2.20
N GLU B 342 -18.13 -4.11 2.07
CA GLU B 342 -18.72 -3.42 3.23
C GLU B 342 -19.73 -4.31 3.93
N LEU B 343 -20.54 -5.02 3.15
CA LEU B 343 -21.33 -6.11 3.67
C LEU B 343 -20.38 -7.13 4.31
N SER B 344 -19.28 -7.43 3.63
CA SER B 344 -18.26 -8.37 4.13
C SER B 344 -17.51 -7.90 5.37
N LEU B 345 -17.38 -6.58 5.51
CA LEU B 345 -16.79 -5.99 6.72
C LEU B 345 -17.70 -6.21 7.90
N HIS B 346 -18.98 -5.88 7.72
CA HIS B 346 -19.98 -6.08 8.76
C HIS B 346 -20.40 -7.54 8.89
N ALA B 347 -20.07 -8.35 7.89
CA ALA B 347 -20.31 -9.79 7.96
C ALA B 347 -19.12 -10.47 8.60
N LEU B 348 -18.12 -9.68 8.96
CA LEU B 348 -16.86 -10.20 9.47
C LEU B 348 -17.03 -10.72 10.90
N PRO B 349 -16.32 -11.80 11.27
CA PRO B 349 -16.36 -12.20 12.68
C PRO B 349 -15.95 -11.04 13.58
N LEU B 350 -16.58 -10.98 14.76
CA LEU B 350 -16.30 -9.92 15.73
C LEU B 350 -14.81 -9.86 16.10
N ASP B 351 -14.21 -11.03 16.31
CA ASP B 351 -12.78 -11.12 16.58
C ASP B 351 -11.93 -10.37 15.55
N GLU B 352 -12.21 -10.62 14.27
CA GLU B 352 -11.48 -10.01 13.17
C GLU B 352 -11.69 -8.47 13.15
N SER B 353 -12.92 -8.03 13.42
CA SER B 353 -13.23 -6.62 13.50
C SER B 353 -12.40 -5.92 14.56
N LEU B 354 -12.11 -6.62 15.66
CA LEU B 354 -11.27 -6.09 16.74
C LEU B 354 -9.83 -5.94 16.27
N LYS B 355 -9.28 -7.02 15.72
CA LYS B 355 -7.92 -7.02 15.15
C LYS B 355 -7.72 -5.79 14.28
N ILE B 356 -8.65 -5.58 13.36
CA ILE B 356 -8.58 -4.47 12.40
C ILE B 356 -8.46 -3.13 13.12
N VAL B 357 -9.37 -2.89 14.06
CA VAL B 357 -9.39 -1.60 14.76
C VAL B 357 -8.18 -1.46 15.69
N LYS B 358 -7.86 -2.53 16.41
CA LYS B 358 -6.68 -2.52 17.27
C LYS B 358 -5.47 -2.10 16.44
N GLU B 359 -5.24 -2.82 15.34
CA GLU B 359 -4.12 -2.53 14.46
C GLU B 359 -4.19 -1.11 13.89
N TYR B 360 -5.40 -0.61 13.66
CA TYR B 360 -5.55 0.75 13.16
C TYR B 360 -4.99 1.75 14.17
N LEU B 361 -5.27 1.53 15.45
CA LEU B 361 -4.82 2.43 16.50
C LEU B 361 -3.33 2.32 16.79
N ILE B 362 -2.77 1.13 16.58
CA ILE B 362 -1.33 0.98 16.70
C ILE B 362 -0.66 1.71 15.54
N ALA B 363 -1.27 1.64 14.36
CA ALA B 363 -0.74 2.35 13.20
C ALA B 363 -0.72 3.83 13.49
N ALA B 364 -1.77 4.31 14.15
CA ALA B 364 -1.87 5.72 14.48
C ALA B 364 -0.73 6.15 15.42
N THR B 365 -0.32 5.29 16.35
CA THR B 365 0.84 5.59 17.16
C THR B 365 2.09 5.77 16.29
N ALA B 366 2.34 4.79 15.41
CA ALA B 366 3.50 4.85 14.53
C ALA B 366 3.51 6.10 13.63
N LYS B 367 2.33 6.50 13.17
CA LYS B 367 2.13 7.69 12.30
C LYS B 367 2.49 9.02 12.95
N ASP B 368 2.26 9.12 14.26
CA ASP B 368 2.45 10.37 15.01
C ASP B 368 3.62 10.37 16.02
N CYS B 369 4.54 9.42 15.91
CA CYS B 369 5.68 9.42 16.81
C CYS B 369 6.79 10.15 16.10
N SER B 370 7.91 10.36 16.79
CA SER B 370 9.02 11.02 16.17
C SER B 370 10.31 10.30 16.52
N ILE B 371 11.37 10.64 15.80
CA ILE B 371 12.67 9.98 16.00
C ILE B 371 13.77 10.91 16.42
N MET B 372 14.54 10.47 17.40
CA MET B 372 15.71 11.22 17.85
C MET B 372 16.97 10.49 17.42
N ILE B 373 17.76 11.17 16.60
CA ILE B 373 19.07 10.67 16.21
C ILE B 373 20.10 11.55 16.91
N SER B 374 20.92 10.95 17.76
CA SER B 374 21.94 11.70 18.48
C SER B 374 23.31 11.41 17.91
N PHE B 375 24.14 12.45 17.84
CA PHE B 375 25.44 12.31 17.22
C PHE B 375 26.53 12.66 18.20
N GLN B 376 27.62 11.94 18.09
CA GLN B 376 28.81 12.27 18.87
C GLN B 376 30.02 12.04 17.99
N SER B 377 30.79 13.10 17.83
CA SER B 377 32.00 13.08 17.03
C SER B 377 33.09 12.26 17.71
N ARG B 378 34.11 11.89 16.95
CA ARG B 378 35.18 11.07 17.48
C ARG B 378 36.50 11.80 17.83
N ASN B 379 36.52 13.13 17.69
CA ASN B 379 37.73 13.89 18.10
C ASN B 379 37.88 14.08 19.60
N ALA B 380 36.76 14.15 20.30
CA ALA B 380 36.76 14.20 21.75
C ALA B 380 37.36 12.89 22.30
N TRP B 381 38.10 12.98 23.40
CA TRP B 381 38.79 11.82 23.95
C TRP B 381 37.92 10.91 24.80
N ASP B 382 36.71 11.37 25.08
CA ASP B 382 35.72 10.56 25.80
C ASP B 382 34.73 9.86 24.84
N SER B 383 35.00 9.91 23.54
CA SER B 383 34.14 9.30 22.53
C SER B 383 34.36 7.79 22.40
N GLU B 384 33.30 7.07 22.03
CA GLU B 384 33.36 5.61 21.96
C GLU B 384 32.74 5.02 20.72
N PRO B 385 33.59 4.45 19.87
CA PRO B 385 33.30 3.91 18.57
C PRO B 385 32.32 2.77 18.67
N SER B 386 31.26 2.85 17.88
CA SER B 386 30.20 1.85 17.84
C SER B 386 30.08 1.27 16.44
N GLY B 387 29.22 0.27 16.27
CA GLY B 387 28.94 -0.28 14.96
C GLY B 387 28.17 0.67 14.03
N ASP B 388 27.37 1.57 14.60
CA ASP B 388 26.60 2.51 13.79
C ASP B 388 27.22 3.88 13.86
N TYR B 389 27.62 4.40 12.70
CA TYR B 389 28.23 5.72 12.57
C TYR B 389 28.15 6.18 11.13
N VAL B 390 28.51 7.44 10.89
CA VAL B 390 28.60 7.98 9.54
C VAL B 390 29.92 8.75 9.44
N SER B 391 30.45 8.86 8.23
CA SER B 391 31.71 9.57 7.97
C SER B 391 31.47 10.88 7.25
N LEU B 392 32.39 11.82 7.43
CA LEU B 392 32.33 13.10 6.72
C LEU B 392 33.69 13.37 6.06
N LYS B 393 33.81 12.96 4.79
CA LYS B 393 35.09 13.03 4.09
C LYS B 393 35.71 14.46 4.01
N PRO B 394 34.92 15.49 3.64
CA PRO B 394 35.42 16.88 3.60
C PRO B 394 36.23 17.36 4.80
N THR B 395 36.10 16.69 5.95
CA THR B 395 36.82 17.13 7.15
C THR B 395 37.48 15.94 7.82
N ASN B 396 37.37 14.78 7.16
CA ASN B 396 37.80 13.49 7.71
C ASN B 396 37.33 13.22 9.14
N GLN B 397 36.11 13.63 9.45
CA GLN B 397 35.54 13.38 10.75
C GLN B 397 34.63 12.17 10.72
N THR B 398 34.41 11.57 11.88
CA THR B 398 33.51 10.42 11.98
C THR B 398 32.58 10.58 13.19
N PHE B 399 31.29 10.41 12.96
CA PHE B 399 30.32 10.63 14.01
C PHE B 399 29.56 9.33 14.26
N ASP B 400 29.57 8.88 15.51
CA ASP B 400 28.72 7.79 15.93
C ASP B 400 27.33 8.32 16.18
N TYR B 401 26.33 7.47 16.02
CA TYR B 401 24.97 7.89 16.23
C TYR B 401 24.12 6.81 16.92
N LYS B 402 23.08 7.28 17.61
CA LYS B 402 22.04 6.42 18.15
C LYS B 402 20.69 6.93 17.67
N VAL B 403 19.73 6.03 17.45
CA VAL B 403 18.37 6.49 17.17
C VAL B 403 17.33 5.89 18.10
N HIS B 404 16.42 6.73 18.56
CA HIS B 404 15.35 6.32 19.47
C HIS B 404 13.98 6.84 19.04
N PHE B 405 12.97 5.98 19.15
CA PHE B 405 11.59 6.36 18.89
C PHE B 405 10.98 6.92 20.18
N ILE B 406 10.44 8.13 20.09
CA ILE B 406 9.88 8.82 21.24
C ILE B 406 8.50 9.32 20.89
N ASP B 407 7.85 9.94 21.87
CA ASP B 407 6.50 10.52 21.73
C ASP B 407 5.52 9.49 21.10
N LEU B 408 5.55 8.27 21.64
CA LEU B 408 4.69 7.13 21.23
C LEU B 408 3.45 7.05 22.09
N SER B 409 2.35 7.65 21.66
CA SER B 409 1.13 7.68 22.48
C SER B 409 0.11 6.61 22.09
N LEU B 410 -0.55 6.05 23.11
CA LEU B 410 -1.76 5.28 22.90
C LEU B 410 -2.80 6.26 22.36
N LYS B 411 -3.61 5.80 21.41
CA LYS B 411 -4.68 6.63 20.86
C LYS B 411 -6.05 6.15 21.35
N PRO B 412 -6.84 7.03 21.97
CA PRO B 412 -8.14 6.54 22.44
C PRO B 412 -9.02 6.07 21.29
N LEU B 413 -9.74 4.98 21.55
CA LEU B 413 -10.71 4.39 20.62
C LEU B 413 -11.74 5.37 20.10
N LYS B 414 -12.21 6.25 20.99
CA LYS B 414 -13.19 7.28 20.63
C LYS B 414 -12.80 8.09 19.40
N ARG B 415 -11.50 8.26 19.19
CA ARG B 415 -10.98 9.10 18.11
C ARG B 415 -11.23 8.52 16.69
N MET B 416 -11.69 7.28 16.61
CA MET B 416 -12.02 6.67 15.32
C MET B 416 -13.12 7.50 14.60
N GLU B 417 -14.06 8.02 15.38
CA GLU B 417 -15.13 8.87 14.86
C GLU B 417 -14.55 10.20 14.39
N SER B 418 -13.60 10.69 15.18
CA SER B 418 -12.91 11.93 14.95
C SER B 418 -12.07 11.83 13.67
N TYR B 419 -11.43 10.68 13.48
CA TYR B 419 -10.49 10.49 12.38
C TYR B 419 -11.20 10.55 11.06
N TYR B 420 -12.32 9.83 10.97
CA TYR B 420 -13.17 9.82 9.80
C TYR B 420 -13.65 11.22 9.42
N LYS B 421 -14.10 12.02 10.41
CA LYS B 421 -14.57 13.37 10.12
C LYS B 421 -13.47 14.30 9.60
N LEU B 422 -12.28 14.22 10.20
CA LEU B 422 -11.13 15.02 9.80
C LEU B 422 -10.62 14.59 8.42
N ASP B 423 -10.52 13.30 8.21
CA ASP B 423 -10.11 12.77 6.94
C ASP B 423 -11.01 13.33 5.85
N LYS B 424 -12.31 13.23 6.08
CA LYS B 424 -13.33 13.79 5.21
C LYS B 424 -13.12 15.30 4.95
N LYS B 425 -12.79 16.04 6.01
CA LYS B 425 -12.56 17.48 5.92
C LYS B 425 -11.36 17.78 5.03
N ILE B 426 -10.33 16.96 5.17
CA ILE B 426 -9.11 17.12 4.38
C ILE B 426 -9.39 16.88 2.90
N ILE B 427 -9.98 15.74 2.57
CA ILE B 427 -10.21 15.42 1.16
C ILE B 427 -11.24 16.33 0.45
N SER B 428 -12.31 16.72 1.15
CA SER B 428 -13.30 17.67 0.61
C SER B 428 -12.67 19.00 0.22
N PHE B 429 -11.79 19.50 1.08
CA PHE B 429 -11.14 20.76 0.84
C PHE B 429 -10.11 20.69 -0.29
N TYR B 430 -9.43 19.56 -0.40
CA TYR B 430 -8.44 19.39 -1.45
C TYR B 430 -9.11 19.24 -2.82
N ASN B 431 -10.19 18.47 -2.85
CA ASN B 431 -10.97 18.33 -4.07
C ASN B 431 -11.52 19.68 -4.52
N ARG B 432 -11.92 20.52 -3.57
CA ARG B 432 -12.47 21.84 -3.88
C ARG B 432 -11.42 22.82 -4.39
N LYS B 433 -10.17 22.64 -3.98
CA LYS B 433 -9.08 23.46 -4.52
C LYS B 433 -8.62 23.00 -5.92
N GLN B 434 -9.03 21.80 -6.33
CA GLN B 434 -8.69 21.29 -7.66
C GLN B 434 -9.56 21.95 -8.72
N LYS B 435 -10.77 22.33 -8.34
CA LYS B 435 -11.63 23.18 -9.17
C LYS B 435 -10.95 24.51 -9.53
N ALA B 436 -10.04 24.97 -8.68
CA ALA B 436 -9.33 26.25 -8.89
C ALA B 436 -8.58 26.36 -10.24
N GLU B 437 -8.35 25.21 -10.89
CA GLU B 437 -7.99 25.13 -12.33
C GLU B 437 -7.99 23.68 -12.86
O31 5MY C . -9.04 -8.05 -11.59
P1 5MY C . -7.79 -7.57 -10.88
O21 5MY C . -7.50 -6.09 -10.92
O41 5MY C . -7.59 -8.22 -9.53
O11 5MY C . -6.64 -8.16 -11.82
C1 5MY C . -5.35 -7.59 -11.74
C2 5MY C . -5.03 -6.96 -13.09
O12 5MY C . -5.29 -7.91 -14.14
C3 5MY C . -3.58 -6.45 -13.11
O13 5MY C . -3.19 -6.04 -14.42
P3 5MY C . -3.71 -4.67 -15.09
O23 5MY C . -2.69 -4.47 -16.21
O33 5MY C . -3.66 -3.61 -14.00
O43 5MY C . -5.13 -4.98 -15.53
C6 5MY C . -4.36 -8.66 -11.32
O16 5MY C . -4.61 -9.12 -9.98
P6 5MY C . -4.96 -10.66 -9.64
O26 5MY C . -5.00 -11.39 -10.96
O36 5MY C . -6.29 -10.58 -8.94
O46 5MY C . -3.81 -11.07 -8.76
C5 5MY C . -2.94 -8.16 -11.33
O15 5MY C . -2.18 -9.34 -11.19
P5 5MY C . -1.13 -9.56 -10.00
O25 5MY C . -1.96 -9.54 -8.72
O35 5MY C . -0.18 -8.41 -10.13
O45 5MY C . -0.57 -10.91 -10.40
C4 5MY C . -2.56 -7.50 -12.65
O14 5MY C . -1.33 -6.82 -12.44
P4 5MY C . 0.03 -7.20 -13.16
O34 5MY C . 0.82 -7.93 -12.12
O44 5MY C . -0.36 -8.08 -14.32
O24 5MY C . 0.60 -5.84 -13.50
ZN ZN D . 21.15 -3.52 -7.06
O31 5MY E . 1.55 19.16 17.61
P1 5MY E . 0.07 18.91 17.32
O21 5MY E . -0.76 18.66 18.55
O41 5MY E . -0.54 19.81 16.28
O11 5MY E . 0.18 17.48 16.58
C1 5MY E . -0.93 16.61 16.59
C2 5MY E . -0.77 15.60 17.74
O12 5MY E . 0.50 14.95 17.64
C3 5MY E . -1.93 14.60 17.71
O13 5MY E . -1.72 13.57 18.67
P3 5MY E . -2.13 13.62 20.23
O23 5MY E . -2.36 12.15 20.61
O33 5MY E . -3.38 14.49 20.35
O43 5MY E . -0.91 14.21 20.89
C6 5MY E . -0.97 15.93 15.24
O16 5MY E . -1.13 16.91 14.21
P6 5MY E . 0.04 17.34 13.17
O26 5MY E . 1.09 16.26 13.31
O36 5MY E . 0.49 18.70 13.65
O46 5MY E . -0.62 17.39 11.81
C5 5MY E . -2.14 14.96 15.18
O15 5MY E . -1.91 14.25 14.00
P5 5MY E . -2.80 14.35 12.68
O25 5MY E . -2.95 15.80 12.32
O35 5MY E . -4.12 13.72 13.10
O45 5MY E . -1.95 13.55 11.69
C4 5MY E . -2.09 13.96 16.33
O14 5MY E . -3.30 13.23 16.36
P4 5MY E . -3.48 11.69 15.97
O34 5MY E . -4.39 11.09 17.00
O44 5MY E . -4.13 11.85 14.64
O24 5MY E . -2.08 11.09 16.00
ZN ZN F . -20.84 0.35 7.85
#